data_7V0R
#
_entry.id   7V0R
#
_cell.length_a   78.112
_cell.length_b   98.446
_cell.length_c   142.598
_cell.angle_alpha   90.000
_cell.angle_beta   90.000
_cell.angle_gamma   90.000
#
_symmetry.space_group_name_H-M   'P 21 21 21'
#
loop_
_entity.id
_entity.type
_entity.pdbx_description
1 polymer 'Cyclic GMP-AMP synthase'
2 polymer 'Palindromic DNA18'
3 non-polymer '[(2~{R},3~{R},4~{R},5~{R})-4-[[(2~{R},3~{S},4~{R},5~{R})-5-(6-aminopurin-9-yl)-3,4-bis(oxidanyl)oxolan-2-yl]methoxy-oxidanyl-phosphoryl]oxy-5-(2-azanyl-6-oxidanylidene-1~{H}-purin-9-yl)-3-oxidanyl-oxolan-2-yl]methoxy-[[oxidanyl(phosphonooxy)phosphoryl]methyl]phosphinic acid'
4 non-polymer 'MAGNESIUM ION'
5 non-polymer 'ZINC ION'
6 water water
#
loop_
_entity_poly.entity_id
_entity_poly.type
_entity_poly.pdbx_seq_one_letter_code
_entity_poly.pdbx_strand_id
1 'polypeptide(L)'
;GTGPDKLKKVLDKLRLKRKDISEAAETVNKVVERLLRRMQKRESEFKGVEQLNTGSYYEHVKISAPNEFDVMFKLEVPRI
ELQEYYETGAFYLVKFKRIPRGNPLSHFLEGEVLSATKMLSKFRKIIKEEVKEIKDIDVSVEKEKPGSPAVTLLIRNPEE
ISVDIILALESKGSWPISTKEGLPIQGWLGTKVRTNLRREPFYLVPKNAKDGNSFQGETWRLSFSHTEKYILNNHGIEKT
CCESSGAKCCRKECLKLMKYLLEQLKKEFQELDAFCSYHVKTAIFHMWTQDPQDSQWDPRNLSSCFDKLLAFFLECLRTE
KLDHYFIPKFNLFSQELIDRKSKEFLSKKIEYERNNGFPIFDKL
;
A,C
2 'polydeoxyribonucleotide' (DA)(DT)(DC)(DT)(DG)(DT)(DA)(DC)(DA)(DT)(DG)(DT)(DA)(DC)(DA)(DG)(DA)(DT) E,F,I,J
#
loop_
_chem_comp.id
_chem_comp.type
_chem_comp.name
_chem_comp.formula
DA DNA linking 2'-DEOXYADENOSINE-5'-MONOPHOSPHATE 'C10 H14 N5 O6 P'
DC DNA linking 2'-DEOXYCYTIDINE-5'-MONOPHOSPHATE 'C9 H14 N3 O7 P'
DG DNA linking 2'-DEOXYGUANOSINE-5'-MONOPHOSPHATE 'C10 H14 N5 O7 P'
DT DNA linking THYMIDINE-5'-MONOPHOSPHATE 'C10 H15 N2 O8 P'
MG non-polymer 'MAGNESIUM ION' 'Mg 2'
OKX non-polymer '[(2~{R},3~{R},4~{R},5~{R})-4-[[(2~{R},3~{S},4~{R},5~{R})-5-(6-aminopurin-9-yl)-3,4-bis(oxidanyl)oxolan-2-yl]methoxy-oxidanyl-phosphoryl]oxy-5-(2-azanyl-6-oxidanylidene-1~{H}-purin-9-yl)-3-oxidanyl-oxolan-2-yl]methoxy-[[oxidanyl(phosphonooxy)phosphoryl]methyl]phosphinic acid' 'C21 H30 N10 O19 P4'
ZN non-polymer 'ZINC ION' 'Zn 2'
#
# COMPACT_ATOMS: atom_id res chain seq x y z
N LYS A 6 30.28 10.61 18.37
CA LYS A 6 30.29 10.20 16.96
C LYS A 6 29.27 11.13 16.26
N LEU A 7 28.74 10.70 15.11
CA LEU A 7 27.55 11.34 14.53
C LEU A 7 26.30 10.96 15.34
N LYS A 8 26.42 9.88 16.12
CA LYS A 8 25.41 9.44 17.08
C LYS A 8 25.10 10.50 18.12
N LYS A 9 26.15 11.13 18.67
CA LYS A 9 25.99 12.23 19.63
C LYS A 9 25.30 13.46 19.04
N VAL A 10 25.56 13.75 17.77
CA VAL A 10 24.84 14.83 17.09
C VAL A 10 23.33 14.52 17.04
N LEU A 11 23.00 13.32 16.57
CA LEU A 11 21.60 12.87 16.50
C LEU A 11 20.91 12.92 17.87
N ASP A 12 21.65 12.59 18.94
CA ASP A 12 21.16 12.77 20.32
C ASP A 12 20.69 14.20 20.59
N LYS A 13 21.52 15.19 20.22
CA LYS A 13 21.14 16.58 20.37
C LYS A 13 19.95 16.93 19.48
N LEU A 14 19.98 16.51 18.21
CA LEU A 14 18.89 16.77 17.25
C LEU A 14 17.53 16.18 17.63
N ARG A 15 17.54 15.05 18.34
CA ARG A 15 16.33 14.32 18.78
C ARG A 15 15.38 15.28 19.51
N LEU A 16 14.12 15.33 19.07
CA LEU A 16 13.07 16.05 19.76
C LEU A 16 12.72 15.37 21.06
N LYS A 17 12.19 16.18 21.97
CA LYS A 17 11.75 15.73 23.28
C LYS A 17 10.24 15.63 23.35
N ARG A 18 9.77 14.53 23.93
CA ARG A 18 8.34 14.20 24.11
C ARG A 18 7.62 15.37 24.78
N LYS A 19 8.19 15.93 25.85
CA LYS A 19 7.60 17.06 26.55
C LYS A 19 7.34 18.22 25.57
N ASP A 20 8.35 18.57 24.77
CA ASP A 20 8.28 19.66 23.80
C ASP A 20 7.29 19.37 22.67
N ILE A 21 7.34 18.13 22.16
CA ILE A 21 6.42 17.67 21.12
C ILE A 21 4.98 17.89 21.58
N SER A 22 4.69 17.43 22.80
CA SER A 22 3.34 17.43 23.38
C SER A 22 2.79 18.86 23.56
N GLU A 23 3.62 19.75 24.10
CA GLU A 23 3.25 21.16 24.26
C GLU A 23 3.04 21.91 22.95
N ALA A 24 3.91 21.66 21.96
CA ALA A 24 3.83 22.31 20.65
C ALA A 24 2.61 21.81 19.89
N ALA A 25 2.46 20.48 19.82
CA ALA A 25 1.35 19.83 19.10
C ALA A 25 -0.05 20.22 19.62
N GLU A 26 -0.16 20.41 20.93
CA GLU A 26 -1.46 20.71 21.53
C GLU A 26 -1.93 22.09 21.07
N THR A 27 -1.03 23.07 21.14
CA THR A 27 -1.31 24.43 20.71
C THR A 27 -1.54 24.50 19.19
N VAL A 28 -0.67 23.83 18.41
CA VAL A 28 -0.73 23.87 16.96
C VAL A 28 -2.05 23.31 16.46
N ASN A 29 -2.48 22.20 17.05
CA ASN A 29 -3.69 21.54 16.62
C ASN A 29 -4.95 22.36 16.89
N LYS A 30 -4.99 23.02 18.04
CA LYS A 30 -6.08 23.95 18.35
C LYS A 30 -6.25 25.02 17.27
N VAL A 31 -5.16 25.72 16.96
CA VAL A 31 -5.18 26.78 15.98
C VAL A 31 -5.61 26.24 14.60
N VAL A 32 -4.99 25.15 14.17
CA VAL A 32 -5.29 24.55 12.88
C VAL A 32 -6.74 24.07 12.76
N GLU A 33 -7.19 23.34 13.77
CA GLU A 33 -8.56 22.85 13.90
C GLU A 33 -9.58 24.00 13.77
N ARG A 34 -9.23 25.16 14.35
CA ARG A 34 -10.09 26.37 14.34
C ARG A 34 -10.07 27.02 12.95
N LEU A 35 -8.89 27.19 12.36
CA LEU A 35 -8.78 27.74 11.03
C LEU A 35 -9.56 26.88 10.07
N LEU A 36 -9.38 25.56 10.18
CA LEU A 36 -10.03 24.60 9.27
C LEU A 36 -11.55 24.69 9.36
N ARG A 37 -12.08 24.83 10.58
CA ARG A 37 -13.54 24.97 10.83
C ARG A 37 -14.04 26.26 10.16
N ARG A 38 -13.34 27.39 10.34
CA ARG A 38 -13.76 28.71 9.79
C ARG A 38 -13.82 28.65 8.26
N MET A 39 -12.94 27.87 7.63
CA MET A 39 -12.98 27.69 6.18
C MET A 39 -14.27 26.98 5.72
N GLN A 40 -14.87 26.18 6.62
CA GLN A 40 -16.06 25.39 6.33
C GLN A 40 -17.38 26.11 6.45
N LYS A 41 -17.41 27.29 7.09
CA LYS A 41 -18.59 28.15 7.11
C LYS A 41 -19.02 28.54 5.70
N ARG A 42 -20.32 28.36 5.41
CA ARG A 42 -20.94 28.61 4.08
C ARG A 42 -20.72 30.08 3.67
N GLU A 43 -20.68 30.31 2.35
CA GLU A 43 -20.27 31.57 1.75
C GLU A 43 -18.81 31.85 2.00
N SER A 44 -18.05 30.81 2.41
CA SER A 44 -16.61 30.79 2.25
C SER A 44 -16.32 30.04 0.96
N GLU A 45 -15.46 30.64 0.13
CA GLU A 45 -15.00 30.08 -1.12
C GLU A 45 -14.17 28.81 -0.92
N PHE A 46 -13.80 28.55 0.33
CA PHE A 46 -12.93 27.46 0.72
C PHE A 46 -13.66 26.39 1.50
N LYS A 47 -15.00 26.45 1.47
CA LYS A 47 -15.84 25.38 1.97
C LYS A 47 -15.49 24.13 1.18
N GLY A 48 -15.26 23.02 1.88
CA GLY A 48 -14.79 21.77 1.29
C GLY A 48 -13.32 21.46 1.53
N VAL A 49 -12.53 22.49 1.84
CA VAL A 49 -11.09 22.36 1.99
C VAL A 49 -10.79 21.29 3.05
N GLU A 50 -9.83 20.41 2.76
CA GLU A 50 -9.45 19.31 3.65
C GLU A 50 -8.01 19.46 4.08
N GLN A 51 -7.70 18.93 5.26
CA GLN A 51 -6.42 19.15 5.90
C GLN A 51 -5.52 18.00 5.61
N LEU A 52 -4.25 18.32 5.31
CA LEU A 52 -3.21 17.34 5.09
C LEU A 52 -1.94 17.80 5.75
N ASN A 53 -1.43 16.99 6.68
CA ASN A 53 -0.20 17.32 7.38
C ASN A 53 0.99 16.76 6.61
N THR A 54 1.95 17.64 6.33
CA THR A 54 3.11 17.38 5.49
C THR A 54 4.40 17.88 6.17
N GLY A 55 5.53 17.59 5.52
CA GLY A 55 6.80 18.09 5.95
C GLY A 55 7.41 17.30 7.07
N SER A 56 8.50 17.85 7.61
CA SER A 56 9.43 17.18 8.49
C SER A 56 8.80 16.57 9.69
N TYR A 57 8.02 17.37 10.41
CA TYR A 57 7.46 16.95 11.72
C TYR A 57 6.65 15.66 11.49
N TYR A 58 5.87 15.59 10.41
CA TYR A 58 4.96 14.47 10.06
C TYR A 58 5.74 13.35 9.36
N GLU A 59 6.94 13.65 8.85
CA GLU A 59 7.87 12.67 8.32
C GLU A 59 8.83 12.10 9.39
N HIS A 60 8.77 12.64 10.62
CA HIS A 60 9.71 12.34 11.69
C HIS A 60 11.15 12.60 11.29
N VAL A 61 11.41 13.68 10.55
CA VAL A 61 12.77 14.16 10.32
C VAL A 61 12.98 15.63 10.75
N LYS A 62 12.07 16.12 11.59
CA LYS A 62 12.21 17.43 12.22
C LYS A 62 13.33 17.32 13.23
N ILE A 63 14.24 18.28 13.21
CA ILE A 63 15.39 18.29 14.10
C ILE A 63 15.40 19.43 15.10
N SER A 64 16.10 19.23 16.23
CA SER A 64 16.39 20.23 17.24
C SER A 64 15.23 20.58 18.17
N ALA A 65 14.10 21.03 17.59
CA ALA A 65 12.93 21.46 18.34
C ALA A 65 11.69 21.32 17.47
N PRO A 66 10.50 21.05 18.07
CA PRO A 66 9.26 21.00 17.30
C PRO A 66 8.70 22.41 17.12
N ASN A 67 9.31 23.20 16.23
CA ASN A 67 8.98 24.61 16.09
C ASN A 67 8.62 25.08 14.69
N GLU A 68 8.41 24.14 13.77
CA GLU A 68 7.96 24.42 12.42
C GLU A 68 7.08 23.25 11.99
N PHE A 69 5.84 23.56 11.59
CA PHE A 69 4.82 22.61 11.18
C PHE A 69 4.26 23.02 9.82
N ASP A 70 4.08 22.05 8.92
CA ASP A 70 3.52 22.35 7.60
C ASP A 70 2.21 21.64 7.41
N VAL A 71 1.18 22.42 7.08
CA VAL A 71 -0.16 21.89 6.91
C VAL A 71 -0.73 22.39 5.59
N MET A 72 -1.30 21.46 4.83
CA MET A 72 -1.89 21.74 3.54
C MET A 72 -3.40 21.81 3.75
N PHE A 73 -4.00 22.93 3.36
CA PHE A 73 -5.45 23.07 3.25
C PHE A 73 -5.75 22.95 1.78
N LYS A 74 -6.19 21.76 1.37
CA LYS A 74 -6.35 21.46 -0.06
C LYS A 74 -7.81 21.38 -0.45
N LEU A 75 -8.12 21.81 -1.67
CA LEU A 75 -9.48 21.94 -2.15
C LEU A 75 -9.63 21.23 -3.49
N GLU A 76 -10.56 20.26 -3.56
CA GLU A 76 -10.87 19.54 -4.80
C GLU A 76 -11.46 20.47 -5.82
N VAL A 77 -10.86 20.52 -7.00
CA VAL A 77 -11.36 21.31 -8.14
C VAL A 77 -11.60 20.39 -9.33
N PRO A 78 -12.85 19.95 -9.59
CA PRO A 78 -13.10 18.87 -10.56
C PRO A 78 -12.63 19.22 -11.98
N ARG A 79 -13.45 19.86 -12.81
CA ARG A 79 -13.16 20.09 -14.24
C ARG A 79 -11.93 21.01 -14.33
N ILE A 80 -10.75 20.48 -14.64
CA ILE A 80 -9.51 21.24 -14.66
C ILE A 80 -8.73 21.03 -15.93
N GLU A 81 -8.33 22.13 -16.58
CA GLU A 81 -7.36 22.12 -17.67
C GLU A 81 -6.13 22.88 -17.26
N LEU A 82 -4.98 22.22 -17.37
CA LEU A 82 -3.67 22.81 -17.10
C LEU A 82 -3.09 23.27 -18.41
N GLN A 83 -2.27 24.32 -18.33
CA GLN A 83 -1.41 24.70 -19.43
C GLN A 83 -0.06 24.92 -18.82
N GLU A 84 0.95 24.19 -19.30
CA GLU A 84 2.31 24.32 -18.81
C GLU A 84 2.81 25.73 -19.17
N TYR A 85 3.44 26.37 -18.19
CA TYR A 85 4.09 27.70 -18.31
C TYR A 85 5.48 27.50 -18.94
N TYR A 86 5.59 27.81 -20.24
CA TYR A 86 6.83 27.78 -21.04
C TYR A 86 7.73 26.58 -20.71
N GLU A 87 7.26 25.35 -20.95
CA GLU A 87 8.09 24.15 -20.83
C GLU A 87 8.93 23.98 -19.53
N THR A 88 8.55 24.67 -18.45
CA THR A 88 9.29 24.61 -17.17
C THR A 88 9.07 23.32 -16.38
N GLY A 89 8.00 22.59 -16.69
CA GLY A 89 7.72 21.30 -16.08
C GLY A 89 6.93 21.39 -14.79
N ALA A 90 7.23 22.41 -13.97
CA ALA A 90 6.67 22.56 -12.63
C ALA A 90 5.57 23.61 -12.48
N PHE A 91 5.50 24.57 -13.41
CA PHE A 91 4.58 25.71 -13.28
C PHE A 91 3.54 25.65 -14.36
N TYR A 92 2.30 26.04 -14.01
CA TYR A 92 1.07 25.86 -14.82
C TYR A 92 0.08 27.01 -14.58
N LEU A 93 -0.72 27.32 -15.59
CA LEU A 93 -1.98 28.06 -15.47
C LEU A 93 -3.05 27.01 -15.25
N VAL A 94 -4.10 27.39 -14.53
CA VAL A 94 -5.24 26.52 -14.29
C VAL A 94 -6.48 27.15 -14.89
N LYS A 95 -7.35 26.33 -15.50
CA LYS A 95 -8.50 26.80 -16.27
C LYS A 95 -9.77 25.98 -16.10
N PHE A 96 -10.89 26.55 -16.56
CA PHE A 96 -12.22 25.94 -16.50
C PHE A 96 -12.95 26.02 -17.83
N ASN A 103 -20.00 28.74 -9.16
CA ASN A 103 -18.70 28.20 -8.78
C ASN A 103 -18.12 28.99 -7.60
N PRO A 104 -17.92 28.37 -6.42
CA PRO A 104 -17.46 29.10 -5.23
C PRO A 104 -16.19 29.92 -5.52
N LEU A 105 -15.40 29.50 -6.51
CA LEU A 105 -14.19 30.18 -6.95
C LEU A 105 -14.40 31.28 -7.99
N SER A 106 -15.68 31.62 -8.26
CA SER A 106 -16.04 32.55 -9.30
C SER A 106 -15.17 33.82 -9.22
N HIS A 107 -15.14 34.43 -8.03
CA HIS A 107 -14.46 35.71 -7.79
C HIS A 107 -12.95 35.75 -8.08
N PHE A 108 -12.32 34.58 -8.22
CA PHE A 108 -10.88 34.51 -8.50
C PHE A 108 -10.58 34.36 -9.97
N LEU A 109 -11.62 34.10 -10.77
CA LEU A 109 -11.47 33.82 -12.20
C LEU A 109 -11.22 35.08 -13.02
N GLU A 110 -10.25 34.96 -13.95
CA GLU A 110 -9.97 36.03 -14.94
C GLU A 110 -10.33 35.31 -16.23
N GLY A 111 -11.50 35.57 -16.80
CA GLY A 111 -12.00 34.77 -17.90
C GLY A 111 -12.09 33.35 -17.38
N GLU A 112 -11.34 32.43 -18.00
CA GLU A 112 -11.29 31.01 -17.56
C GLU A 112 -10.10 30.68 -16.66
N VAL A 113 -9.26 31.69 -16.34
CA VAL A 113 -8.02 31.49 -15.59
C VAL A 113 -8.18 31.72 -14.09
N LEU A 114 -7.75 30.73 -13.30
CA LEU A 114 -7.75 30.82 -11.86
C LEU A 114 -6.52 31.56 -11.40
N SER A 115 -6.74 32.76 -10.86
CA SER A 115 -5.72 33.60 -10.26
C SER A 115 -5.27 33.06 -8.91
N ALA A 116 -4.02 32.62 -8.84
CA ALA A 116 -3.35 32.19 -7.61
C ALA A 116 -3.36 33.29 -6.56
N THR A 117 -2.84 34.47 -6.92
CA THR A 117 -2.70 35.58 -5.98
C THR A 117 -4.02 36.09 -5.41
N LYS A 118 -5.09 36.13 -6.23
CA LYS A 118 -6.41 36.53 -5.74
C LYS A 118 -6.97 35.51 -4.75
N MET A 119 -6.76 34.23 -5.05
CA MET A 119 -7.26 33.17 -4.19
C MET A 119 -6.50 33.17 -2.85
N LEU A 120 -5.16 33.22 -2.93
CA LEU A 120 -4.28 33.34 -1.77
C LEU A 120 -4.63 34.54 -0.86
N SER A 121 -4.90 35.68 -1.50
CA SER A 121 -5.26 36.89 -0.76
C SER A 121 -6.50 36.70 0.10
N LYS A 122 -7.52 36.06 -0.47
CA LYS A 122 -8.78 35.89 0.24
C LYS A 122 -8.58 34.89 1.37
N PHE A 123 -7.90 33.78 1.04
CA PHE A 123 -7.51 32.78 2.01
C PHE A 123 -6.81 33.44 3.19
N ARG A 124 -5.84 34.29 2.88
CA ARG A 124 -4.99 35.03 3.86
C ARG A 124 -5.87 35.99 4.68
N LYS A 125 -6.76 36.72 4.01
CA LYS A 125 -7.66 37.64 4.67
C LYS A 125 -8.50 36.89 5.72
N ILE A 126 -9.05 35.74 5.33
CA ILE A 126 -9.88 34.94 6.22
C ILE A 126 -9.08 34.53 7.44
N ILE A 127 -7.91 33.95 7.21
CA ILE A 127 -7.03 33.48 8.29
C ILE A 127 -6.68 34.59 9.28
N LYS A 128 -6.30 35.75 8.76
CA LYS A 128 -5.95 36.89 9.59
C LYS A 128 -7.12 37.20 10.53
N GLU A 129 -8.32 37.28 9.94
CA GLU A 129 -9.55 37.56 10.68
C GLU A 129 -9.77 36.55 11.80
N GLU A 130 -9.67 35.26 11.46
CA GLU A 130 -9.87 34.19 12.43
C GLU A 130 -8.84 34.22 13.56
N VAL A 131 -7.59 34.52 13.22
CA VAL A 131 -6.50 34.63 14.17
C VAL A 131 -6.76 35.73 15.21
N LYS A 132 -7.34 36.86 14.78
CA LYS A 132 -7.71 37.95 15.70
C LYS A 132 -8.66 37.50 16.81
N GLU A 133 -9.54 36.54 16.49
CA GLU A 133 -10.56 36.03 17.42
C GLU A 133 -10.00 35.00 18.42
N ILE A 134 -8.76 34.55 18.25
CA ILE A 134 -8.13 33.65 19.21
C ILE A 134 -7.50 34.49 20.32
N LYS A 135 -8.04 34.41 21.54
CA LYS A 135 -7.49 35.10 22.73
C LYS A 135 -6.79 34.18 23.74
N ASP A 136 -6.79 32.88 23.42
CA ASP A 136 -6.34 31.72 24.19
C ASP A 136 -4.82 31.41 24.00
N ILE A 137 -4.33 31.71 22.79
CA ILE A 137 -2.96 31.45 22.36
C ILE A 137 -2.41 32.74 21.76
N ASP A 138 -1.11 32.98 22.00
CA ASP A 138 -0.38 34.13 21.47
C ASP A 138 0.03 33.78 20.05
N VAL A 139 -0.68 34.31 19.06
CA VAL A 139 -0.47 33.95 17.67
C VAL A 139 -0.74 35.10 16.68
N SER A 140 0.21 35.35 15.78
CA SER A 140 0.04 36.34 14.72
C SER A 140 0.33 35.74 13.34
N VAL A 141 0.03 36.52 12.31
CA VAL A 141 0.26 36.14 10.95
C VAL A 141 1.49 36.88 10.46
N GLU A 142 2.54 36.13 10.12
CA GLU A 142 3.80 36.67 9.63
C GLU A 142 3.55 37.44 8.35
N LYS A 143 4.28 38.55 8.16
CA LYS A 143 4.30 39.30 6.92
C LYS A 143 4.55 38.37 5.72
N GLU A 144 3.83 38.61 4.61
CA GLU A 144 3.92 37.77 3.43
C GLU A 144 5.32 37.80 2.85
N LYS A 145 5.87 36.61 2.59
CA LYS A 145 7.17 36.39 2.01
C LYS A 145 6.96 36.11 0.53
N PRO A 146 7.69 36.79 -0.38
CA PRO A 146 7.67 36.44 -1.80
C PRO A 146 8.08 34.98 -2.05
N GLY A 147 7.39 34.28 -2.96
CA GLY A 147 7.69 32.92 -3.35
C GLY A 147 7.02 31.84 -2.51
N SER A 148 6.26 32.27 -1.49
CA SER A 148 5.60 31.35 -0.59
C SER A 148 4.12 31.14 -0.92
N PRO A 149 3.66 29.88 -0.98
CA PRO A 149 2.23 29.60 -1.10
C PRO A 149 1.54 29.57 0.27
N ALA A 150 2.23 30.01 1.33
CA ALA A 150 1.81 29.74 2.68
C ALA A 150 1.42 30.99 3.39
N VAL A 151 0.44 30.85 4.27
CA VAL A 151 0.14 31.82 5.31
C VAL A 151 0.78 31.28 6.56
N THR A 152 1.80 31.96 7.04
CA THR A 152 2.60 31.50 8.15
C THR A 152 2.13 32.14 9.44
N LEU A 153 1.89 31.30 10.44
CA LEU A 153 1.53 31.69 11.78
C LEU A 153 2.76 31.66 12.68
N LEU A 154 2.93 32.72 13.49
CA LEU A 154 3.97 32.76 14.49
C LEU A 154 3.27 32.61 15.83
N ILE A 155 3.54 31.50 16.52
CA ILE A 155 2.97 31.21 17.84
C ILE A 155 4.07 31.38 18.89
N ARG A 156 3.70 31.96 20.04
CA ARG A 156 4.55 32.10 21.25
C ARG A 156 3.96 31.21 22.35
N ASN A 157 4.43 29.97 22.44
CA ASN A 157 3.97 28.98 23.41
C ASN A 157 4.89 29.03 24.63
N PRO A 158 5.07 30.17 25.33
CA PRO A 158 6.39 30.73 25.57
C PRO A 158 7.51 29.96 24.86
N GLU A 159 7.45 29.90 23.52
CA GLU A 159 8.49 29.39 22.61
C GLU A 159 8.02 29.70 21.23
N GLU A 160 8.93 30.07 20.34
CA GLU A 160 8.58 30.37 18.94
C GLU A 160 8.25 29.09 18.13
N ILE A 161 7.04 29.07 17.54
CA ILE A 161 6.59 28.00 16.64
C ILE A 161 5.96 28.61 15.40
N SER A 162 6.46 28.20 14.22
CA SER A 162 5.89 28.52 12.92
C SER A 162 4.95 27.44 12.44
N VAL A 163 3.83 27.85 11.86
CA VAL A 163 2.94 26.97 11.13
C VAL A 163 2.71 27.58 9.75
N ASP A 164 3.09 26.84 8.70
CA ASP A 164 2.76 27.22 7.35
C ASP A 164 1.45 26.57 6.97
N ILE A 165 0.44 27.39 6.69
CA ILE A 165 -0.83 26.94 6.14
C ILE A 165 -0.74 27.13 4.64
N ILE A 166 -0.69 26.01 3.91
CA ILE A 166 -0.44 26.00 2.49
C ILE A 166 -1.73 25.76 1.73
N LEU A 167 -2.09 26.72 0.88
CA LEU A 167 -3.25 26.61 0.03
C LEU A 167 -2.91 25.71 -1.13
N ALA A 168 -3.78 24.72 -1.39
CA ALA A 168 -3.55 23.80 -2.49
C ALA A 168 -4.82 23.43 -3.22
N LEU A 169 -4.74 23.43 -4.55
CA LEU A 169 -5.70 22.76 -5.42
C LEU A 169 -5.37 21.27 -5.48
N GLU A 170 -6.41 20.43 -5.41
CA GLU A 170 -6.30 18.98 -5.56
C GLU A 170 -6.97 18.55 -6.86
N SER A 171 -6.19 17.99 -7.79
CA SER A 171 -6.74 17.29 -8.96
C SER A 171 -6.58 15.78 -8.86
N LYS A 172 -7.65 15.05 -9.18
CA LYS A 172 -7.66 13.58 -9.12
C LYS A 172 -7.30 12.90 -10.43
N GLY A 173 -7.15 13.69 -11.49
CA GLY A 173 -6.75 13.19 -12.78
C GLY A 173 -5.36 12.62 -12.71
N SER A 174 -4.96 11.97 -13.78
CA SER A 174 -3.63 11.46 -13.90
C SER A 174 -2.67 12.67 -13.85
N TRP A 175 -1.46 12.43 -13.37
CA TRP A 175 -0.48 13.47 -13.14
C TRP A 175 -0.01 14.04 -14.46
N PRO A 176 0.49 15.31 -14.50
CA PRO A 176 0.89 15.93 -15.75
C PRO A 176 2.12 15.25 -16.36
N ILE A 177 2.21 15.28 -17.69
CA ILE A 177 3.20 14.53 -18.46
C ILE A 177 4.64 14.82 -18.05
N SER A 178 4.91 16.03 -17.59
CA SER A 178 6.21 16.39 -17.08
C SER A 178 6.72 15.45 -15.98
N THR A 179 5.82 14.72 -15.32
CA THR A 179 6.19 13.77 -14.27
C THR A 179 6.24 12.31 -14.72
N LYS A 180 6.02 12.07 -16.00
CA LYS A 180 5.94 10.70 -16.53
C LYS A 180 7.20 9.90 -16.19
N GLU A 181 8.36 10.56 -16.28
CA GLU A 181 9.66 9.93 -16.06
C GLU A 181 10.20 10.20 -14.68
N GLY A 182 9.38 10.80 -13.81
CA GLY A 182 9.74 11.16 -12.46
C GLY A 182 9.54 9.97 -11.56
N LEU A 183 9.86 10.16 -10.27
CA LEU A 183 9.59 9.16 -9.25
C LEU A 183 10.15 7.80 -9.67
N PRO A 184 11.46 7.74 -9.96
CA PRO A 184 12.10 6.51 -10.45
C PRO A 184 12.38 5.52 -9.30
N ILE A 185 11.33 5.07 -8.62
CA ILE A 185 11.42 4.16 -7.47
C ILE A 185 11.33 2.64 -7.80
N GLN A 186 11.26 2.30 -9.10
CA GLN A 186 11.02 0.93 -9.59
C GLN A 186 11.93 -0.15 -9.04
N GLY A 187 13.22 0.20 -8.90
CA GLY A 187 14.24 -0.71 -8.43
C GLY A 187 14.43 -0.62 -6.95
N TRP A 188 13.66 0.24 -6.28
CA TRP A 188 13.76 0.49 -4.84
C TRP A 188 12.47 0.13 -4.11
N LEU A 189 11.40 0.88 -4.38
CA LEU A 189 10.09 0.69 -3.76
C LEU A 189 9.17 -0.14 -4.67
N GLY A 190 9.41 -0.10 -5.99
CA GLY A 190 8.79 -0.99 -6.93
C GLY A 190 7.68 -0.39 -7.79
N THR A 191 7.24 -1.19 -8.77
CA THR A 191 6.24 -0.78 -9.73
C THR A 191 4.82 -0.65 -9.17
N LYS A 192 4.43 -1.59 -8.30
CA LYS A 192 3.12 -1.50 -7.64
C LYS A 192 2.99 -0.26 -6.74
N VAL A 193 4.01 0.00 -5.92
CA VAL A 193 4.05 1.22 -5.11
C VAL A 193 3.93 2.44 -6.00
N ARG A 194 4.76 2.51 -7.05
CA ARG A 194 4.75 3.66 -8.01
C ARG A 194 3.39 3.80 -8.69
N THR A 195 2.78 2.72 -9.15
CA THR A 195 1.48 2.81 -9.82
C THR A 195 0.44 3.38 -8.84
N ASN A 196 0.48 2.88 -7.60
CA ASN A 196 -0.48 3.28 -6.58
C ASN A 196 -0.30 4.73 -6.18
N LEU A 197 0.94 5.15 -5.99
CA LEU A 197 1.25 6.53 -5.66
C LEU A 197 0.72 7.47 -6.73
N ARG A 198 0.94 7.12 -8.00
CA ARG A 198 0.55 7.94 -9.18
C ARG A 198 -0.98 7.90 -9.38
N ARG A 199 -1.69 7.03 -8.67
CA ARG A 199 -3.18 7.01 -8.60
C ARG A 199 -3.69 7.97 -7.52
N GLU A 200 -2.86 8.36 -6.55
CA GLU A 200 -3.21 9.42 -5.60
C GLU A 200 -3.35 10.74 -6.36
N PRO A 201 -4.07 11.75 -5.83
CA PRO A 201 -4.14 13.05 -6.51
C PRO A 201 -2.82 13.80 -6.55
N PHE A 202 -2.73 14.84 -7.39
CA PHE A 202 -1.59 15.75 -7.41
C PHE A 202 -2.09 17.12 -6.97
N TYR A 203 -1.15 17.97 -6.50
CA TYR A 203 -1.46 19.26 -5.85
C TYR A 203 -0.77 20.40 -6.60
N LEU A 204 -1.40 21.57 -6.54
CA LEU A 204 -0.94 22.79 -7.16
C LEU A 204 -1.01 23.83 -6.08
N VAL A 205 0.08 24.58 -5.92
CA VAL A 205 0.12 25.59 -4.90
C VAL A 205 0.55 26.90 -5.57
N PRO A 206 0.09 28.07 -5.08
CA PRO A 206 0.49 29.34 -5.68
C PRO A 206 2.02 29.50 -5.76
N LYS A 207 2.55 29.80 -6.94
CA LYS A 207 3.96 30.12 -7.10
C LYS A 207 4.32 31.44 -6.41
N ASN A 208 3.42 32.42 -6.54
CA ASN A 208 3.48 33.71 -5.84
C ASN A 208 4.85 34.41 -5.83
N ALA A 209 5.52 34.39 -6.99
CA ALA A 209 6.78 35.11 -7.18
C ALA A 209 6.47 36.59 -7.29
N LYS A 210 7.45 37.42 -6.93
CA LYS A 210 7.35 38.87 -7.04
C LYS A 210 8.32 39.46 -8.09
N ASP A 211 8.68 38.62 -9.08
CA ASP A 211 9.70 38.97 -10.09
C ASP A 211 9.27 40.07 -11.08
N GLY A 212 8.00 40.03 -11.50
CA GLY A 212 7.47 40.94 -12.48
C GLY A 212 7.38 40.32 -13.87
N ASN A 213 7.49 39.00 -13.94
CA ASN A 213 7.31 38.27 -15.19
C ASN A 213 5.84 38.05 -15.50
N SER A 214 5.51 37.91 -16.79
CA SER A 214 4.13 37.67 -17.25
C SER A 214 3.56 36.47 -16.55
N PHE A 215 2.22 36.49 -16.37
CA PHE A 215 1.44 35.45 -15.68
C PHE A 215 1.78 35.27 -14.20
N GLN A 216 2.50 36.26 -13.63
CA GLN A 216 3.00 36.22 -12.26
C GLN A 216 1.96 35.72 -11.26
N GLY A 217 0.77 36.31 -11.30
CA GLY A 217 -0.25 36.10 -10.30
C GLY A 217 -1.17 34.93 -10.59
N GLU A 218 -1.06 34.31 -11.79
CA GLU A 218 -1.92 33.18 -12.17
C GLU A 218 -1.18 31.85 -12.31
N THR A 219 0.11 31.84 -11.97
CA THR A 219 0.97 30.67 -12.05
C THR A 219 0.85 29.82 -10.79
N TRP A 220 0.56 28.54 -10.95
CA TRP A 220 0.57 27.59 -9.83
C TRP A 220 1.77 26.68 -10.02
N ARG A 221 2.16 25.98 -8.94
CA ARG A 221 3.31 25.03 -8.91
C ARG A 221 2.86 23.67 -8.36
N LEU A 222 3.32 22.58 -8.98
CA LEU A 222 3.04 21.22 -8.53
C LEU A 222 3.65 20.98 -7.16
N SER A 223 2.90 20.32 -6.29
CA SER A 223 3.40 19.83 -5.02
C SER A 223 3.13 18.32 -4.89
N PHE A 224 4.12 17.60 -4.37
CA PHE A 224 4.07 16.17 -4.11
C PHE A 224 4.43 15.86 -2.65
N SER A 225 4.11 16.80 -1.76
CA SER A 225 4.36 16.64 -0.33
C SER A 225 3.73 15.41 0.22
N HIS A 226 2.52 15.09 -0.26
CA HIS A 226 1.82 13.88 0.17
C HIS A 226 2.58 12.62 -0.20
N THR A 227 3.16 12.60 -1.39
CA THR A 227 3.94 11.48 -1.88
C THR A 227 5.27 11.38 -1.12
N GLU A 228 5.92 12.53 -0.93
CA GLU A 228 7.17 12.59 -0.18
C GLU A 228 7.01 12.05 1.26
N LYS A 229 5.88 12.33 1.88
CA LYS A 229 5.52 11.83 3.20
C LYS A 229 5.46 10.31 3.25
N TYR A 230 4.72 9.73 2.30
CA TYR A 230 4.59 8.27 2.16
C TYR A 230 6.00 7.67 2.00
N ILE A 231 6.82 8.23 1.12
CA ILE A 231 8.18 7.72 0.88
C ILE A 231 9.00 7.75 2.16
N LEU A 232 8.97 8.88 2.88
CA LEU A 232 9.73 9.01 4.12
C LEU A 232 9.34 7.92 5.13
N ASN A 233 8.04 7.62 5.19
CA ASN A 233 7.53 6.63 6.12
C ASN A 233 7.40 5.20 5.62
N ASN A 234 7.78 4.96 4.35
CA ASN A 234 7.84 3.64 3.74
C ASN A 234 9.03 3.59 2.78
N HIS A 235 10.23 3.67 3.36
CA HIS A 235 11.43 4.07 2.65
C HIS A 235 12.39 2.94 2.30
N GLY A 236 12.04 1.70 2.68
CA GLY A 236 12.91 0.56 2.51
C GLY A 236 12.56 -0.27 1.30
N ILE A 237 13.54 -1.05 0.83
CA ILE A 237 13.25 -2.09 -0.15
C ILE A 237 12.53 -3.29 0.53
N GLU A 238 12.89 -3.57 1.80
CA GLU A 238 12.15 -4.51 2.61
C GLU A 238 11.02 -3.79 3.33
N LYS A 239 9.86 -4.45 3.36
CA LYS A 239 8.67 -3.92 3.99
C LYS A 239 8.86 -3.75 5.49
N THR A 240 9.83 -4.46 6.06
CA THR A 240 10.10 -4.39 7.48
C THR A 240 11.16 -3.37 7.86
N CYS A 241 11.71 -2.63 6.89
CA CYS A 241 12.72 -1.62 7.23
C CYS A 241 12.19 -0.75 8.37
N CYS A 242 12.93 -0.69 9.48
CA CYS A 242 12.65 0.17 10.63
C CYS A 242 11.39 -0.19 11.45
N GLU A 243 10.83 -1.38 11.23
CA GLU A 243 9.68 -1.86 11.96
C GLU A 243 10.10 -2.72 13.15
N SER A 244 9.15 -3.06 14.02
CA SER A 244 9.49 -3.77 15.23
C SER A 244 10.01 -5.21 15.04
N SER A 245 9.73 -5.83 13.87
CA SER A 245 10.31 -7.15 13.51
C SER A 245 11.17 -7.06 12.28
N GLY A 246 11.75 -5.87 12.07
CA GLY A 246 12.69 -5.63 11.01
C GLY A 246 13.99 -5.06 11.57
N ALA A 247 14.83 -4.64 10.62
CA ALA A 247 16.13 -4.08 10.88
C ALA A 247 15.99 -2.61 10.65
N LYS A 248 16.68 -1.87 11.52
CA LYS A 248 16.72 -0.43 11.50
C LYS A 248 17.73 -0.03 10.40
N CYS A 249 17.41 1.06 9.69
CA CYS A 249 18.33 1.68 8.72
C CYS A 249 18.68 3.07 9.23
N CYS A 250 19.64 3.73 8.56
CA CYS A 250 20.04 5.07 8.91
C CYS A 250 19.67 6.09 7.83
N ARG A 251 18.69 5.76 6.98
CA ARG A 251 18.21 6.63 5.87
C ARG A 251 17.72 7.97 6.45
N LYS A 252 16.79 7.93 7.40
CA LYS A 252 16.27 9.16 8.02
C LYS A 252 17.33 9.95 8.81
N GLU A 253 18.27 9.23 9.42
CA GLU A 253 19.30 9.85 10.25
C GLU A 253 20.27 10.66 9.38
N CYS A 254 20.59 10.13 8.18
CA CYS A 254 21.37 10.86 7.18
C CYS A 254 20.67 12.11 6.74
N LEU A 255 19.36 12.01 6.47
CA LEU A 255 18.57 13.18 6.10
C LEU A 255 18.62 14.25 7.21
N LYS A 256 18.53 13.82 8.48
CA LYS A 256 18.61 14.75 9.61
C LYS A 256 19.95 15.48 9.65
N LEU A 257 21.04 14.70 9.54
CA LEU A 257 22.40 15.22 9.55
C LEU A 257 22.64 16.24 8.42
N MET A 258 22.19 15.89 7.21
CA MET A 258 22.36 16.76 6.06
C MET A 258 21.55 18.05 6.25
N LYS A 259 20.32 17.93 6.75
CA LYS A 259 19.46 19.07 7.03
C LYS A 259 20.09 20.03 8.04
N TYR A 260 20.71 19.45 9.08
CA TYR A 260 21.37 20.17 10.18
C TYR A 260 22.60 20.93 9.66
N LEU A 261 23.42 20.29 8.82
CA LEU A 261 24.60 20.94 8.26
C LEU A 261 24.17 22.20 7.47
N LEU A 262 23.08 22.09 6.71
CA LEU A 262 22.56 23.22 5.94
C LEU A 262 22.01 24.33 6.87
N GLU A 263 21.10 23.98 7.79
CA GLU A 263 20.55 24.94 8.77
C GLU A 263 21.64 25.74 9.49
N GLN A 264 22.67 25.03 9.97
CA GLN A 264 23.72 25.65 10.73
C GLN A 264 24.49 26.64 9.87
N LEU A 265 24.81 26.22 8.65
CA LEU A 265 25.56 27.05 7.70
C LEU A 265 24.71 28.23 7.30
N LYS A 266 23.43 27.98 7.03
CA LYS A 266 22.49 29.01 6.59
C LYS A 266 22.28 30.10 7.64
N LYS A 267 22.25 29.69 8.91
CA LYS A 267 22.04 30.64 10.00
C LYS A 267 23.27 31.56 10.18
N GLU A 268 24.45 31.09 9.77
CA GLU A 268 25.69 31.89 9.81
C GLU A 268 25.99 32.68 8.54
N PHE A 269 25.63 32.15 7.38
CA PHE A 269 26.03 32.75 6.09
C PHE A 269 24.85 33.15 5.20
N GLN A 270 24.76 34.46 4.95
CA GLN A 270 23.73 35.05 4.10
C GLN A 270 23.90 34.64 2.63
N GLU A 271 25.14 34.30 2.27
CA GLU A 271 25.51 33.77 0.96
C GLU A 271 24.66 32.57 0.56
N LEU A 272 24.14 31.84 1.56
CA LEU A 272 23.40 30.61 1.33
C LEU A 272 21.89 30.80 1.36
N ASP A 273 21.42 32.04 1.17
CA ASP A 273 19.99 32.33 1.25
C ASP A 273 19.20 31.55 0.21
N ALA A 274 19.79 31.33 -0.97
CA ALA A 274 19.13 30.62 -2.06
C ALA A 274 18.90 29.14 -1.83
N PHE A 275 19.59 28.56 -0.84
CA PHE A 275 19.50 27.15 -0.54
C PHE A 275 18.46 26.90 0.53
N CYS A 276 17.86 25.70 0.48
CA CYS A 276 16.80 25.34 1.40
C CYS A 276 16.82 23.84 1.60
N SER A 277 16.10 23.39 2.62
CA SER A 277 16.10 21.99 2.99
C SER A 277 15.56 21.08 1.88
N TYR A 278 14.69 21.59 1.00
CA TYR A 278 14.11 20.78 -0.10
C TYR A 278 15.26 20.28 -1.00
N HIS A 279 16.33 21.06 -1.12
CA HIS A 279 17.47 20.70 -1.94
C HIS A 279 18.12 19.42 -1.40
N VAL A 280 18.26 19.35 -0.07
CA VAL A 280 18.88 18.18 0.56
C VAL A 280 17.96 16.98 0.48
N LYS A 281 16.64 17.21 0.59
CA LYS A 281 15.62 16.16 0.51
C LYS A 281 15.59 15.52 -0.86
N THR A 282 15.61 16.38 -1.89
CA THR A 282 15.69 15.95 -3.27
C THR A 282 16.97 15.13 -3.47
N ALA A 283 18.11 15.64 -2.99
CA ALA A 283 19.38 14.94 -3.14
C ALA A 283 19.32 13.51 -2.57
N ILE A 284 18.76 13.38 -1.36
CA ILE A 284 18.74 12.10 -0.68
C ILE A 284 17.74 11.12 -1.33
N PHE A 285 16.64 11.65 -1.90
CA PHE A 285 15.74 10.82 -2.70
C PHE A 285 16.52 10.17 -3.88
N HIS A 286 17.43 10.94 -4.50
CA HIS A 286 18.25 10.42 -5.61
C HIS A 286 19.22 9.35 -5.09
N MET A 287 19.85 9.59 -3.94
CA MET A 287 20.73 8.61 -3.30
C MET A 287 20.02 7.32 -2.88
N TRP A 288 18.80 7.47 -2.37
CA TRP A 288 18.02 6.32 -1.97
C TRP A 288 17.65 5.43 -3.17
N THR A 289 17.55 6.06 -4.35
CA THR A 289 17.27 5.40 -5.63
C THR A 289 18.52 4.72 -6.14
N GLN A 290 19.64 5.44 -6.07
CA GLN A 290 20.93 4.95 -6.49
C GLN A 290 21.44 3.74 -5.65
N ASP A 291 21.16 3.80 -4.34
CA ASP A 291 21.52 2.76 -3.35
C ASP A 291 20.23 2.23 -2.73
N PRO A 292 19.48 1.37 -3.46
CA PRO A 292 18.16 0.94 -3.02
C PRO A 292 18.14 -0.03 -1.82
N GLN A 293 19.20 -0.82 -1.63
CA GLN A 293 19.24 -1.91 -0.64
C GLN A 293 19.32 -1.37 0.78
N ASP A 294 18.53 -1.95 1.68
CA ASP A 294 18.53 -1.51 3.09
C ASP A 294 19.94 -1.65 3.72
N SER A 295 20.69 -2.65 3.23
CA SER A 295 22.01 -2.97 3.72
C SER A 295 23.04 -1.91 3.33
N GLN A 296 22.72 -1.11 2.32
CA GLN A 296 23.54 0.07 2.00
C GLN A 296 23.22 1.29 2.89
N TRP A 297 22.34 1.11 3.89
CA TRP A 297 22.01 2.13 4.89
C TRP A 297 21.99 1.48 6.27
N ASP A 298 22.94 0.57 6.50
CA ASP A 298 23.15 -0.02 7.82
C ASP A 298 23.52 1.07 8.81
N PRO A 299 22.88 1.09 10.01
CA PRO A 299 23.22 2.03 11.07
C PRO A 299 24.71 2.03 11.46
N ARG A 300 25.37 0.88 11.34
CA ARG A 300 26.81 0.70 11.66
C ARG A 300 27.64 1.50 10.65
N ASN A 301 27.09 1.83 9.49
CA ASN A 301 27.80 2.57 8.42
C ASN A 301 27.33 4.01 8.22
N LEU A 302 26.83 4.62 9.30
CA LEU A 302 26.33 5.99 9.32
C LEU A 302 27.32 7.01 8.69
N SER A 303 28.61 6.92 9.01
CA SER A 303 29.63 7.83 8.44
C SER A 303 29.76 7.70 6.94
N SER A 304 30.04 6.47 6.47
CA SER A 304 30.11 6.18 5.04
C SER A 304 28.87 6.73 4.37
N CYS A 305 27.72 6.40 4.93
CA CYS A 305 26.42 6.80 4.39
C CYS A 305 26.28 8.34 4.31
N PHE A 306 26.57 9.03 5.42
CA PHE A 306 26.50 10.47 5.47
C PHE A 306 27.51 11.03 4.48
N ASP A 307 28.71 10.47 4.48
CA ASP A 307 29.77 10.94 3.62
C ASP A 307 29.43 10.80 2.14
N LYS A 308 28.85 9.66 1.76
CA LYS A 308 28.56 9.43 0.36
C LYS A 308 27.47 10.39 -0.12
N LEU A 309 26.57 10.79 0.79
CA LEU A 309 25.51 11.76 0.54
C LEU A 309 26.09 13.18 0.30
N LEU A 310 27.02 13.59 1.18
CA LEU A 310 27.76 14.82 1.01
C LEU A 310 28.46 14.87 -0.35
N ALA A 311 29.13 13.76 -0.70
CA ALA A 311 29.89 13.68 -1.94
C ALA A 311 28.94 13.87 -3.13
N PHE A 312 27.77 13.21 -3.06
CA PHE A 312 26.75 13.34 -4.09
C PHE A 312 26.24 14.77 -4.22
N PHE A 313 25.99 15.41 -3.07
CA PHE A 313 25.49 16.77 -3.02
C PHE A 313 26.52 17.74 -3.60
N LEU A 314 27.80 17.48 -3.30
CA LEU A 314 28.90 18.32 -3.80
C LEU A 314 29.01 18.23 -5.30
N GLU A 315 28.73 17.04 -5.84
CA GLU A 315 28.80 16.82 -7.28
C GLU A 315 27.65 17.55 -7.97
N CYS A 316 26.47 17.53 -7.34
CA CYS A 316 25.34 18.31 -7.77
C CYS A 316 25.66 19.81 -7.82
N LEU A 317 26.40 20.30 -6.81
CA LEU A 317 26.79 21.71 -6.76
C LEU A 317 27.79 22.04 -7.85
N ARG A 318 28.83 21.19 -7.98
CA ARG A 318 29.95 21.39 -8.94
C ARG A 318 29.40 21.37 -10.38
N THR A 319 28.53 20.41 -10.69
CA THR A 319 27.95 20.28 -12.02
C THR A 319 26.67 21.07 -12.22
N GLU A 320 26.27 21.83 -11.19
CA GLU A 320 25.09 22.67 -11.24
C GLU A 320 23.82 21.89 -11.67
N LYS A 321 23.59 20.74 -11.04
CA LYS A 321 22.51 19.84 -11.45
C LYS A 321 21.92 19.06 -10.29
N LEU A 322 20.64 19.32 -10.01
CA LEU A 322 19.85 18.63 -9.01
C LEU A 322 18.40 18.63 -9.49
N ASP A 323 18.03 17.59 -10.24
CA ASP A 323 16.71 17.46 -10.85
C ASP A 323 15.64 17.19 -9.80
N HIS A 324 14.52 17.90 -9.92
CA HIS A 324 13.35 17.60 -9.10
C HIS A 324 13.07 16.11 -9.26
N TYR A 325 12.83 15.41 -8.15
CA TYR A 325 12.66 13.94 -8.11
C TYR A 325 11.39 13.55 -8.87
N PHE A 326 10.40 14.43 -8.91
CA PHE A 326 9.11 14.20 -9.55
C PHE A 326 9.00 14.79 -10.93
N ILE A 327 9.86 15.76 -11.23
CA ILE A 327 9.81 16.53 -12.47
C ILE A 327 11.24 16.61 -13.03
N PRO A 328 11.69 15.58 -13.79
CA PRO A 328 13.10 15.42 -14.15
C PRO A 328 13.71 16.61 -14.90
N LYS A 329 12.92 17.34 -15.69
CA LYS A 329 13.45 18.41 -16.51
C LYS A 329 13.66 19.72 -15.77
N PHE A 330 13.16 19.79 -14.54
CA PHE A 330 13.25 20.96 -13.68
C PHE A 330 14.49 20.83 -12.78
N ASN A 331 15.55 21.56 -13.16
CA ASN A 331 16.81 21.65 -12.40
C ASN A 331 16.74 22.72 -11.32
N LEU A 332 16.74 22.28 -10.05
CA LEU A 332 16.71 23.16 -8.88
C LEU A 332 18.00 23.95 -8.72
N PHE A 333 19.07 23.47 -9.37
CA PHE A 333 20.38 24.09 -9.35
C PHE A 333 20.72 24.73 -10.67
N SER A 334 19.70 25.12 -11.45
CA SER A 334 19.96 25.83 -12.70
C SER A 334 20.67 27.14 -12.38
N GLN A 335 21.36 27.70 -13.38
CA GLN A 335 21.97 29.02 -13.29
C GLN A 335 20.92 30.08 -12.93
N GLU A 336 19.72 29.87 -13.46
CA GLU A 336 18.63 30.84 -13.38
C GLU A 336 18.02 30.93 -11.96
N LEU A 337 18.28 29.92 -11.12
CA LEU A 337 17.72 29.88 -9.76
C LEU A 337 18.75 30.21 -8.69
N ILE A 338 19.96 29.68 -8.88
CA ILE A 338 21.06 29.88 -7.89
C ILE A 338 22.34 30.18 -8.66
N ASP A 339 23.13 31.15 -8.19
CA ASP A 339 24.37 31.59 -8.91
C ASP A 339 25.48 30.56 -8.69
N ARG A 340 26.36 30.39 -9.68
CA ARG A 340 27.50 29.47 -9.52
C ARG A 340 28.33 29.92 -8.32
N LYS A 341 28.54 31.23 -8.16
CA LYS A 341 29.26 31.68 -6.96
C LYS A 341 28.67 31.17 -5.65
N SER A 342 27.35 31.33 -5.48
CA SER A 342 26.62 30.72 -4.36
C SER A 342 26.91 29.23 -4.19
N LYS A 343 27.01 28.52 -5.32
CA LYS A 343 27.22 27.07 -5.33
C LYS A 343 28.62 26.69 -4.93
N GLU A 344 29.61 27.44 -5.43
CA GLU A 344 31.01 27.28 -5.03
C GLU A 344 31.18 27.64 -3.57
N PHE A 345 30.46 28.66 -3.09
CA PHE A 345 30.54 29.05 -1.69
C PHE A 345 30.09 27.92 -0.78
N LEU A 346 28.94 27.33 -1.09
CA LEU A 346 28.43 26.21 -0.32
C LEU A 346 29.33 24.96 -0.42
N SER A 347 29.97 24.76 -1.57
CA SER A 347 30.90 23.64 -1.77
C SER A 347 32.14 23.73 -0.86
N LYS A 348 32.75 24.93 -0.83
CA LYS A 348 33.89 25.17 0.05
C LYS A 348 33.53 24.90 1.49
N LYS A 349 32.35 25.38 1.91
CA LYS A 349 31.91 25.25 3.29
C LYS A 349 31.64 23.79 3.70
N ILE A 350 31.07 22.99 2.77
CA ILE A 350 30.81 21.59 3.00
C ILE A 350 32.10 20.79 3.01
N GLU A 351 32.92 20.96 1.96
CA GLU A 351 34.23 20.32 1.84
C GLU A 351 35.05 20.55 3.11
N TYR A 352 34.99 21.78 3.62
CA TYR A 352 35.70 22.23 4.85
C TYR A 352 35.18 21.46 6.07
N GLU A 353 33.88 21.57 6.36
CA GLU A 353 33.25 20.87 7.48
C GLU A 353 33.62 19.40 7.45
N ARG A 354 33.54 18.83 6.24
CA ARG A 354 33.77 17.38 5.96
C ARG A 354 35.20 16.99 6.33
N ASN A 355 36.17 17.86 6.03
CA ASN A 355 37.59 17.54 6.21
C ASN A 355 38.20 18.02 7.52
N ASN A 356 37.35 18.44 8.46
CA ASN A 356 37.80 19.02 9.74
C ASN A 356 36.97 18.64 10.97
N GLY A 357 36.27 17.51 10.88
CA GLY A 357 35.49 16.96 11.98
C GLY A 357 34.14 17.60 12.20
N PHE A 358 33.62 18.30 11.19
CA PHE A 358 32.33 18.99 11.28
C PHE A 358 32.25 19.90 12.51
N PRO A 359 33.16 20.89 12.63
CA PRO A 359 33.15 21.83 13.75
C PRO A 359 31.78 22.52 13.94
N ILE A 360 31.02 22.69 12.86
CA ILE A 360 29.73 23.37 12.93
C ILE A 360 28.66 22.57 13.67
N PHE A 361 28.86 21.25 13.79
CA PHE A 361 27.95 20.41 14.58
C PHE A 361 28.06 20.71 16.08
N ASP A 362 29.15 21.37 16.50
CA ASP A 362 29.37 21.68 17.91
C ASP A 362 28.81 23.03 18.39
N LYS A 363 28.37 23.89 17.48
CA LYS A 363 27.99 25.26 17.81
C LYS A 363 26.70 25.37 18.65
N LYS B 6 14.13 -31.07 -15.31
CA LYS B 6 14.09 -30.98 -13.84
C LYS B 6 12.61 -30.87 -13.45
N LEU B 7 12.37 -30.17 -12.34
CA LEU B 7 11.06 -29.71 -11.94
C LEU B 7 10.60 -28.56 -12.87
N LYS B 8 11.55 -27.94 -13.56
CA LYS B 8 11.30 -26.95 -14.61
C LYS B 8 10.43 -27.49 -15.75
N LYS B 9 10.72 -28.71 -16.19
CA LYS B 9 9.90 -29.37 -17.23
C LYS B 9 8.47 -29.66 -16.76
N VAL B 10 8.31 -29.98 -15.48
CA VAL B 10 6.98 -30.15 -14.91
C VAL B 10 6.20 -28.83 -14.98
N LEU B 11 6.82 -27.74 -14.50
CA LEU B 11 6.21 -26.39 -14.55
C LEU B 11 5.83 -25.99 -15.98
N ASP B 12 6.65 -26.35 -16.96
CA ASP B 12 6.30 -26.20 -18.38
C ASP B 12 4.96 -26.84 -18.74
N LYS B 13 4.77 -28.09 -18.34
CA LYS B 13 3.51 -28.78 -18.54
C LYS B 13 2.36 -28.08 -17.80
N LEU B 14 2.57 -27.76 -16.52
CA LEU B 14 1.55 -27.11 -15.68
C LEU B 14 1.12 -25.73 -16.15
N ARG B 15 2.02 -25.00 -16.79
CA ARG B 15 1.78 -23.63 -17.29
C ARG B 15 0.52 -23.61 -18.16
N LEU B 16 -0.41 -22.69 -17.84
CA LEU B 16 -1.58 -22.43 -18.65
C LEU B 16 -1.19 -21.77 -19.96
N LYS B 17 -2.07 -21.91 -20.94
CA LYS B 17 -1.90 -21.32 -22.25
C LYS B 17 -2.79 -20.10 -22.44
N ARG B 18 -2.21 -19.05 -23.00
CA ARG B 18 -2.87 -17.74 -23.30
C ARG B 18 -4.18 -17.99 -24.05
N LYS B 19 -4.13 -18.80 -25.10
CA LYS B 19 -5.30 -19.17 -25.89
C LYS B 19 -6.41 -19.71 -24.99
N ASP B 20 -6.07 -20.68 -24.12
CA ASP B 20 -7.04 -21.34 -23.24
C ASP B 20 -7.57 -20.39 -22.18
N ILE B 21 -6.68 -19.58 -21.60
CA ILE B 21 -7.06 -18.56 -20.63
C ILE B 21 -8.15 -17.66 -21.20
N SER B 22 -7.89 -17.17 -22.42
CA SER B 22 -8.76 -16.21 -23.11
C SER B 22 -10.16 -16.78 -23.40
N GLU B 23 -10.19 -18.00 -23.92
CA GLU B 23 -11.45 -18.70 -24.21
C GLU B 23 -12.27 -19.02 -22.96
N ALA B 24 -11.60 -19.45 -21.88
CA ALA B 24 -12.27 -19.81 -20.63
C ALA B 24 -12.82 -18.57 -19.97
N ALA B 25 -11.96 -17.53 -19.83
CA ALA B 25 -12.32 -16.27 -19.19
C ALA B 25 -13.53 -15.55 -19.86
N GLU B 26 -13.61 -15.63 -21.19
CA GLU B 26 -14.66 -14.90 -21.88
C GLU B 26 -16.03 -15.53 -21.58
N THR B 27 -16.09 -16.87 -21.61
CA THR B 27 -17.31 -17.61 -21.28
C THR B 27 -17.68 -17.43 -19.79
N VAL B 28 -16.68 -17.54 -18.91
CA VAL B 28 -16.90 -17.46 -17.46
C VAL B 28 -17.46 -16.09 -17.09
N ASN B 29 -16.90 -15.04 -17.69
CA ASN B 29 -17.31 -13.69 -17.36
C ASN B 29 -18.73 -13.38 -17.79
N LYS B 30 -19.13 -13.88 -18.96
CA LYS B 30 -20.53 -13.78 -19.42
C LYS B 30 -21.51 -14.30 -18.35
N VAL B 31 -21.29 -15.55 -17.93
CA VAL B 31 -22.17 -16.18 -16.96
C VAL B 31 -22.17 -15.42 -15.63
N VAL B 32 -20.98 -15.10 -15.12
CA VAL B 32 -20.84 -14.40 -13.85
C VAL B 32 -21.47 -13.00 -13.86
N GLU B 33 -21.18 -12.24 -14.91
CA GLU B 33 -21.75 -10.91 -15.15
C GLU B 33 -23.27 -10.95 -15.13
N ARG B 34 -23.84 -12.02 -15.70
CA ARG B 34 -25.31 -12.22 -15.79
C ARG B 34 -25.88 -12.60 -14.42
N LEU B 35 -25.24 -13.54 -13.72
CA LEU B 35 -25.68 -13.92 -12.39
C LEU B 35 -25.69 -12.69 -11.50
N LEU B 36 -24.59 -11.93 -11.56
CA LEU B 36 -24.40 -10.76 -10.71
C LEU B 36 -25.48 -9.70 -10.96
N ARG B 37 -25.82 -9.48 -12.23
CA ARG B 37 -26.89 -8.54 -12.65
C ARG B 37 -28.22 -8.98 -12.03
N ARG B 38 -28.57 -10.27 -12.17
CA ARG B 38 -29.87 -10.81 -11.70
C ARG B 38 -30.00 -10.62 -10.18
N MET B 39 -28.89 -10.71 -9.44
CA MET B 39 -28.93 -10.50 -8.00
C MET B 39 -29.29 -9.05 -7.65
N GLN B 40 -29.00 -8.12 -8.58
CA GLN B 40 -29.25 -6.69 -8.40
C GLN B 40 -30.65 -6.29 -8.84
N LYS B 41 -31.00 -6.70 -10.06
CA LYS B 41 -32.12 -6.10 -10.78
C LYS B 41 -33.43 -6.46 -10.13
N ARG B 42 -33.54 -7.72 -9.68
CA ARG B 42 -34.77 -8.21 -8.98
C ARG B 42 -34.95 -7.43 -7.66
N GLU B 43 -36.19 -7.30 -7.20
CA GLU B 43 -36.54 -6.99 -5.80
C GLU B 43 -35.98 -8.10 -4.89
N SER B 44 -34.68 -8.30 -5.02
CA SER B 44 -33.93 -9.46 -4.56
C SER B 44 -33.31 -9.12 -3.23
N GLU B 45 -33.30 -10.10 -2.32
CA GLU B 45 -32.76 -9.88 -0.99
C GLU B 45 -31.22 -9.84 -1.02
N PHE B 46 -30.63 -10.04 -2.21
CA PHE B 46 -29.19 -9.98 -2.43
C PHE B 46 -28.80 -8.80 -3.31
N LYS B 47 -29.72 -7.84 -3.44
CA LYS B 47 -29.43 -6.53 -4.04
C LYS B 47 -28.35 -5.90 -3.19
N GLY B 48 -27.31 -5.38 -3.84
CA GLY B 48 -26.13 -4.85 -3.18
C GLY B 48 -24.90 -5.74 -3.25
N VAL B 49 -25.12 -7.04 -3.51
CA VAL B 49 -24.05 -8.02 -3.53
C VAL B 49 -22.97 -7.57 -4.53
N GLU B 50 -21.70 -7.67 -4.12
CA GLU B 50 -20.56 -7.25 -4.94
C GLU B 50 -19.66 -8.43 -5.24
N GLN B 51 -18.99 -8.37 -6.40
CA GLN B 51 -18.23 -9.50 -6.91
C GLN B 51 -16.79 -9.37 -6.49
N LEU B 52 -16.21 -10.50 -6.05
CA LEU B 52 -14.83 -10.58 -5.65
C LEU B 52 -14.25 -11.89 -6.17
N ASN B 53 -13.24 -11.78 -7.04
CA ASN B 53 -12.61 -12.96 -7.62
C ASN B 53 -11.46 -13.42 -6.72
N THR B 54 -11.50 -14.71 -6.38
CA THR B 54 -10.59 -15.35 -5.44
C THR B 54 -10.03 -16.67 -6.02
N GLY B 55 -9.12 -17.29 -5.27
CA GLY B 55 -8.60 -18.59 -5.60
C GLY B 55 -7.51 -18.54 -6.65
N SER B 56 -7.10 -19.74 -7.08
CA SER B 56 -5.90 -19.99 -7.87
C SER B 56 -5.78 -19.15 -9.10
N TYR B 57 -6.82 -19.16 -9.94
CA TYR B 57 -6.77 -18.52 -11.27
C TYR B 57 -6.42 -17.03 -11.06
N TYR B 58 -7.01 -16.40 -10.06
CA TYR B 58 -6.86 -14.94 -9.75
C TYR B 58 -5.61 -14.71 -8.91
N GLU B 59 -5.06 -15.75 -8.30
CA GLU B 59 -3.75 -15.72 -7.64
C GLU B 59 -2.57 -16.03 -8.58
N HIS B 60 -2.88 -16.44 -9.82
CA HIS B 60 -1.92 -16.92 -10.78
C HIS B 60 -1.15 -18.13 -10.27
N VAL B 61 -1.83 -19.03 -9.56
CA VAL B 61 -1.26 -20.33 -9.23
C VAL B 61 -2.15 -21.51 -9.70
N LYS B 62 -3.02 -21.25 -10.65
CA LYS B 62 -3.80 -22.29 -11.30
C LYS B 62 -2.87 -23.10 -12.16
N ILE B 63 -3.00 -24.43 -12.07
CA ILE B 63 -2.16 -25.36 -12.85
C ILE B 63 -2.94 -26.14 -13.89
N SER B 64 -2.21 -26.58 -14.93
CA SER B 64 -2.73 -27.52 -15.95
C SER B 64 -3.66 -26.92 -17.00
N ALA B 65 -4.78 -26.33 -16.55
CA ALA B 65 -5.80 -25.77 -17.42
C ALA B 65 -6.59 -24.72 -16.67
N PRO B 66 -7.12 -23.68 -17.37
CA PRO B 66 -8.01 -22.71 -16.75
C PRO B 66 -9.45 -23.27 -16.64
N ASN B 67 -9.66 -24.18 -15.70
CA ASN B 67 -10.93 -24.90 -15.62
C ASN B 67 -11.65 -24.88 -14.29
N GLU B 68 -11.17 -24.05 -13.36
CA GLU B 68 -11.79 -23.91 -12.04
C GLU B 68 -11.63 -22.45 -11.61
N PHE B 69 -12.77 -21.78 -11.36
CA PHE B 69 -12.84 -20.36 -11.06
C PHE B 69 -13.65 -20.15 -9.78
N ASP B 70 -13.15 -19.31 -8.88
CA ASP B 70 -13.84 -19.05 -7.64
C ASP B 70 -14.22 -17.59 -7.55
N VAL B 71 -15.52 -17.34 -7.36
CA VAL B 71 -16.04 -16.00 -7.28
C VAL B 71 -16.86 -15.84 -6.01
N MET B 72 -16.58 -14.77 -5.27
CA MET B 72 -17.33 -14.40 -4.09
C MET B 72 -18.36 -13.35 -4.45
N PHE B 73 -19.63 -13.64 -4.16
CA PHE B 73 -20.71 -12.65 -4.22
C PHE B 73 -20.93 -12.26 -2.77
N LYS B 74 -20.37 -11.12 -2.37
CA LYS B 74 -20.37 -10.70 -0.97
C LYS B 74 -21.33 -9.55 -0.73
N LEU B 75 -21.94 -9.53 0.46
CA LEU B 75 -23.00 -8.63 0.81
C LEU B 75 -22.71 -7.94 2.15
N GLU B 76 -22.69 -6.59 2.13
CA GLU B 76 -22.57 -5.75 3.32
C GLU B 76 -23.76 -6.00 4.26
N VAL B 77 -23.46 -6.39 5.50
CA VAL B 77 -24.48 -6.61 6.53
C VAL B 77 -24.11 -5.77 7.75
N PRO B 78 -24.85 -4.67 8.02
CA PRO B 78 -24.51 -3.78 9.14
C PRO B 78 -24.50 -4.50 10.51
N ARG B 79 -23.50 -4.18 11.34
CA ARG B 79 -23.49 -4.43 12.81
C ARG B 79 -24.14 -5.78 13.16
N ILE B 80 -23.57 -6.87 12.64
CA ILE B 80 -23.92 -8.23 13.04
C ILE B 80 -23.13 -8.60 14.29
N GLU B 81 -23.70 -9.53 15.08
CA GLU B 81 -23.11 -10.02 16.32
C GLU B 81 -22.82 -11.50 16.16
N LEU B 82 -21.55 -11.88 16.37
CA LEU B 82 -21.09 -13.25 16.26
C LEU B 82 -21.12 -13.93 17.61
N GLN B 83 -21.30 -15.24 17.58
CA GLN B 83 -21.08 -16.08 18.74
C GLN B 83 -20.33 -17.27 18.21
N GLU B 84 -19.15 -17.54 18.80
CA GLU B 84 -18.33 -18.67 18.39
C GLU B 84 -19.04 -19.98 18.67
N TYR B 85 -19.05 -20.86 17.68
CA TYR B 85 -19.74 -22.18 17.70
C TYR B 85 -18.78 -23.20 18.29
N TYR B 86 -18.92 -23.50 19.58
CA TYR B 86 -17.90 -24.22 20.40
C TYR B 86 -16.64 -23.33 20.43
N GLU B 87 -15.51 -23.90 20.88
CA GLU B 87 -14.22 -23.22 20.80
C GLU B 87 -13.50 -23.50 19.46
N THR B 88 -14.26 -23.65 18.36
CA THR B 88 -13.68 -24.06 17.07
C THR B 88 -12.86 -22.99 16.36
N GLY B 89 -13.09 -21.72 16.71
CA GLY B 89 -12.32 -20.60 16.19
C GLY B 89 -12.82 -20.05 14.88
N ALA B 90 -13.28 -20.96 14.00
CA ALA B 90 -13.63 -20.68 12.61
C ALA B 90 -15.11 -20.60 12.31
N PHE B 91 -15.94 -21.22 13.14
CA PHE B 91 -17.37 -21.31 12.91
C PHE B 91 -18.11 -20.46 13.94
N TYR B 92 -19.18 -19.80 13.47
CA TYR B 92 -19.95 -18.79 14.24
C TYR B 92 -21.44 -18.86 13.87
N LEU B 93 -22.30 -18.52 14.84
CA LEU B 93 -23.68 -18.13 14.60
C LEU B 93 -23.68 -16.64 14.39
N VAL B 94 -24.60 -16.15 13.56
CA VAL B 94 -24.67 -14.74 13.23
C VAL B 94 -26.00 -14.17 13.67
N LYS B 95 -25.99 -12.91 14.15
CA LYS B 95 -27.18 -12.21 14.64
C LYS B 95 -27.15 -10.72 14.22
N PRO B 104 -34.19 -6.50 5.02
CA PRO B 104 -33.96 -7.17 3.73
C PRO B 104 -33.86 -8.71 3.87
N LEU B 105 -33.07 -9.19 4.84
CA LEU B 105 -32.81 -10.62 5.05
C LEU B 105 -33.76 -11.26 6.07
N SER B 106 -34.92 -10.63 6.33
CA SER B 106 -35.74 -10.94 7.49
C SER B 106 -35.97 -12.45 7.58
N HIS B 107 -36.46 -13.05 6.48
CA HIS B 107 -36.87 -14.46 6.47
C HIS B 107 -35.76 -15.50 6.69
N PHE B 108 -34.49 -15.08 6.72
CA PHE B 108 -33.39 -15.99 7.03
C PHE B 108 -33.02 -15.92 8.51
N VAL B 113 -31.33 -15.21 14.73
CA VAL B 113 -30.28 -16.01 14.09
C VAL B 113 -30.43 -16.08 12.57
N LEU B 114 -29.36 -15.70 11.87
CA LEU B 114 -29.30 -15.80 10.43
C LEU B 114 -28.86 -17.20 10.07
N SER B 115 -29.82 -17.97 9.52
CA SER B 115 -29.64 -19.31 9.01
C SER B 115 -28.87 -19.29 7.70
N ALA B 116 -27.67 -19.89 7.74
CA ALA B 116 -26.84 -20.10 6.56
C ALA B 116 -27.57 -20.87 5.47
N THR B 117 -28.11 -22.04 5.83
CA THR B 117 -28.83 -22.93 4.90
C THR B 117 -30.00 -22.28 4.19
N LYS B 118 -30.82 -21.52 4.93
CA LYS B 118 -31.97 -20.82 4.35
C LYS B 118 -31.52 -19.73 3.37
N MET B 119 -30.46 -19.00 3.72
CA MET B 119 -29.96 -17.93 2.88
C MET B 119 -29.35 -18.52 1.60
N LEU B 120 -28.48 -19.54 1.77
CA LEU B 120 -27.87 -20.27 0.67
C LEU B 120 -28.91 -20.84 -0.29
N SER B 121 -29.98 -21.42 0.26
CA SER B 121 -31.04 -22.01 -0.55
C SER B 121 -31.66 -20.98 -1.49
N LYS B 122 -31.94 -19.78 -0.98
CA LYS B 122 -32.60 -18.77 -1.79
C LYS B 122 -31.63 -18.29 -2.86
N PHE B 123 -30.40 -18.00 -2.44
CA PHE B 123 -29.31 -17.65 -3.33
C PHE B 123 -29.20 -18.66 -4.47
N ARG B 124 -29.20 -19.94 -4.10
CA ARG B 124 -29.07 -21.10 -5.02
C ARG B 124 -30.31 -21.15 -5.94
N LYS B 125 -31.50 -20.96 -5.38
CA LYS B 125 -32.74 -20.94 -6.16
C LYS B 125 -32.65 -19.89 -7.25
N ILE B 126 -32.20 -18.69 -6.89
CA ILE B 126 -32.08 -17.59 -7.83
C ILE B 126 -31.16 -17.99 -8.97
N ILE B 127 -29.95 -18.45 -8.62
CA ILE B 127 -28.94 -18.83 -9.60
C ILE B 127 -29.44 -19.90 -10.57
N LYS B 128 -30.09 -20.94 -10.04
CA LYS B 128 -30.66 -22.01 -10.85
C LYS B 128 -31.59 -21.43 -11.88
N GLU B 129 -32.51 -20.56 -11.42
CA GLU B 129 -33.52 -19.91 -12.28
C GLU B 129 -32.82 -19.15 -13.41
N GLU B 130 -31.83 -18.32 -13.05
CA GLU B 130 -31.12 -17.52 -14.03
C GLU B 130 -30.34 -18.36 -15.03
N VAL B 131 -29.75 -19.46 -14.56
CA VAL B 131 -29.01 -20.38 -15.42
C VAL B 131 -29.91 -21.00 -16.50
N LYS B 132 -31.17 -21.31 -16.15
CA LYS B 132 -32.16 -21.81 -17.11
C LYS B 132 -32.38 -20.87 -18.30
N GLU B 133 -32.28 -19.56 -18.04
CA GLU B 133 -32.46 -18.53 -19.06
C GLU B 133 -31.27 -18.31 -20.00
N ILE B 134 -30.11 -18.93 -19.70
CA ILE B 134 -28.92 -18.80 -20.55
C ILE B 134 -28.98 -19.77 -21.72
N LYS B 135 -29.11 -19.23 -22.94
CA LYS B 135 -29.22 -20.00 -24.17
C LYS B 135 -27.96 -19.99 -25.06
N ASP B 136 -26.93 -19.20 -24.68
CA ASP B 136 -25.71 -19.09 -25.51
C ASP B 136 -24.51 -19.88 -24.98
N ILE B 137 -24.59 -20.35 -23.74
CA ILE B 137 -23.53 -21.14 -23.11
C ILE B 137 -24.12 -22.43 -22.58
N ASP B 138 -23.36 -23.52 -22.73
CA ASP B 138 -23.72 -24.83 -22.18
C ASP B 138 -23.33 -24.83 -20.71
N VAL B 139 -24.31 -24.61 -19.82
CA VAL B 139 -24.03 -24.42 -18.41
C VAL B 139 -25.15 -24.90 -17.50
N SER B 140 -24.79 -25.75 -16.53
CA SER B 140 -25.73 -26.27 -15.54
C SER B 140 -25.24 -26.02 -14.12
N VAL B 141 -26.12 -26.30 -13.15
CA VAL B 141 -25.81 -26.18 -11.76
C VAL B 141 -25.58 -27.56 -11.21
N GLU B 142 -24.37 -27.83 -10.74
CA GLU B 142 -23.96 -29.11 -10.15
C GLU B 142 -24.87 -29.40 -8.95
N LYS B 143 -25.22 -30.68 -8.76
CA LYS B 143 -25.96 -31.10 -7.57
C LYS B 143 -25.24 -30.62 -6.30
N GLU B 144 -26.02 -30.17 -5.31
CA GLU B 144 -25.47 -29.64 -4.07
C GLU B 144 -24.66 -30.70 -3.34
N LYS B 145 -23.45 -30.30 -2.92
CA LYS B 145 -22.68 -31.00 -1.91
C LYS B 145 -22.99 -30.34 -0.58
N PRO B 146 -23.43 -31.09 0.46
CA PRO B 146 -23.26 -30.62 1.82
C PRO B 146 -21.76 -30.42 2.09
N GLY B 147 -21.40 -29.41 2.89
CA GLY B 147 -20.01 -29.07 3.17
C GLY B 147 -19.45 -27.99 2.26
N SER B 148 -20.17 -27.67 1.17
CA SER B 148 -19.81 -26.57 0.29
C SER B 148 -20.66 -25.34 0.55
N PRO B 149 -20.03 -24.16 0.69
CA PRO B 149 -20.77 -22.90 0.73
C PRO B 149 -21.05 -22.33 -0.66
N ALA B 150 -20.81 -23.13 -1.70
CA ALA B 150 -20.76 -22.64 -3.06
C ALA B 150 -21.91 -23.20 -3.87
N VAL B 151 -22.37 -22.42 -4.84
CA VAL B 151 -23.22 -22.91 -5.91
C VAL B 151 -22.27 -23.09 -7.08
N THR B 152 -22.05 -24.34 -7.49
CA THR B 152 -21.07 -24.64 -8.50
C THR B 152 -21.75 -24.79 -9.85
N LEU B 153 -21.22 -24.08 -10.84
CA LEU B 153 -21.65 -24.14 -12.23
C LEU B 153 -20.70 -25.04 -13.01
N LEU B 154 -21.27 -25.91 -13.84
CA LEU B 154 -20.50 -26.73 -14.75
C LEU B 154 -20.72 -26.17 -16.14
N ILE B 155 -19.64 -25.65 -16.76
CA ILE B 155 -19.68 -25.08 -18.11
C ILE B 155 -18.95 -26.04 -19.06
N ARG B 156 -19.50 -26.23 -20.27
CA ARG B 156 -18.93 -27.19 -21.25
C ARG B 156 -18.35 -26.49 -22.48
N ASN B 157 -18.86 -25.31 -22.85
CA ASN B 157 -18.89 -24.86 -24.24
C ASN B 157 -17.75 -25.42 -25.10
N PRO B 158 -16.48 -25.04 -24.86
CA PRO B 158 -15.39 -25.79 -25.48
C PRO B 158 -15.26 -27.16 -24.76
N GLU B 159 -14.99 -27.12 -23.45
CA GLU B 159 -14.70 -28.27 -22.57
C GLU B 159 -14.94 -27.85 -21.08
N GLU B 160 -14.58 -28.72 -20.14
CA GLU B 160 -15.10 -28.61 -18.78
C GLU B 160 -14.47 -27.49 -17.93
N ILE B 161 -15.33 -26.60 -17.42
CA ILE B 161 -14.97 -25.53 -16.50
C ILE B 161 -15.95 -25.46 -15.34
N SER B 162 -15.43 -25.49 -14.11
CA SER B 162 -16.20 -25.28 -12.88
C SER B 162 -16.09 -23.83 -12.43
N VAL B 163 -17.23 -23.27 -11.97
CA VAL B 163 -17.27 -21.96 -11.33
C VAL B 163 -18.01 -22.10 -10.01
N ASP B 164 -17.32 -21.81 -8.91
CA ASP B 164 -17.93 -21.76 -7.59
C ASP B 164 -18.39 -20.34 -7.31
N ILE B 165 -19.70 -20.16 -7.16
CA ILE B 165 -20.27 -18.88 -6.72
C ILE B 165 -20.51 -18.98 -5.22
N ILE B 166 -19.71 -18.22 -4.48
CA ILE B 166 -19.63 -18.32 -3.03
C ILE B 166 -20.33 -17.13 -2.41
N LEU B 167 -21.36 -17.43 -1.61
CA LEU B 167 -22.09 -16.43 -0.87
C LEU B 167 -21.24 -16.02 0.32
N ALA B 168 -21.11 -14.71 0.53
CA ALA B 168 -20.36 -14.20 1.66
C ALA B 168 -21.02 -12.97 2.27
N LEU B 169 -21.14 -12.99 3.60
CA LEU B 169 -21.40 -11.79 4.40
C LEU B 169 -20.07 -11.04 4.58
N GLU B 170 -20.14 -9.70 4.47
CA GLU B 170 -19.00 -8.82 4.68
C GLU B 170 -19.24 -7.98 5.93
N SER B 171 -18.40 -8.15 6.95
CA SER B 171 -18.43 -7.34 8.18
C SER B 171 -17.22 -6.40 8.26
N LYS B 172 -17.51 -5.14 8.62
CA LYS B 172 -16.53 -4.07 8.70
C LYS B 172 -15.91 -3.89 10.09
N GLY B 173 -16.41 -4.63 11.07
CA GLY B 173 -15.84 -4.60 12.40
C GLY B 173 -14.42 -5.12 12.38
N SER B 174 -13.74 -4.95 13.51
CA SER B 174 -12.46 -5.57 13.70
C SER B 174 -12.70 -7.08 13.68
N TRP B 175 -11.67 -7.83 13.28
CA TRP B 175 -11.77 -9.26 13.09
C TRP B 175 -12.00 -9.97 14.42
N PRO B 176 -12.60 -11.19 14.43
CA PRO B 176 -12.93 -11.86 15.69
C PRO B 176 -11.65 -12.31 16.44
N ILE B 177 -11.76 -12.37 17.76
CA ILE B 177 -10.65 -12.63 18.68
C ILE B 177 -9.84 -13.87 18.33
N SER B 178 -10.52 -14.90 17.83
CA SER B 178 -9.84 -16.12 17.41
C SER B 178 -8.70 -15.87 16.40
N THR B 179 -8.72 -14.73 15.71
CA THR B 179 -7.70 -14.38 14.73
C THR B 179 -6.63 -13.43 15.24
N LYS B 180 -6.69 -13.07 16.53
CA LYS B 180 -5.80 -12.06 17.10
C LYS B 180 -4.34 -12.42 16.86
N GLU B 181 -4.02 -13.71 16.99
CA GLU B 181 -2.67 -14.24 16.88
C GLU B 181 -2.39 -14.85 15.53
N GLY B 182 -3.34 -14.69 14.60
CA GLY B 182 -3.23 -15.26 13.26
C GLY B 182 -2.44 -14.33 12.36
N LEU B 183 -2.28 -14.73 11.10
CA LEU B 183 -1.62 -13.88 10.10
C LEU B 183 -0.28 -13.39 10.63
N PRO B 184 0.62 -14.31 11.01
CA PRO B 184 1.89 -13.94 11.64
C PRO B 184 2.93 -13.51 10.61
N ILE B 185 2.64 -12.44 9.86
CA ILE B 185 3.47 -11.94 8.76
C ILE B 185 4.49 -10.85 9.16
N GLN B 186 4.54 -10.51 10.45
CA GLN B 186 5.34 -9.39 10.99
C GLN B 186 6.79 -9.36 10.56
N GLY B 187 7.43 -10.54 10.50
CA GLY B 187 8.83 -10.66 10.17
C GLY B 187 9.06 -10.89 8.70
N TRP B 188 7.96 -10.90 7.92
CA TRP B 188 8.00 -11.25 6.49
C TRP B 188 7.44 -10.09 5.65
N LEU B 189 6.14 -9.83 5.78
CA LEU B 189 5.46 -8.75 5.08
C LEU B 189 5.35 -7.49 5.95
N GLY B 190 5.36 -7.66 7.28
CA GLY B 190 5.55 -6.56 8.20
C GLY B 190 4.31 -6.11 8.96
N THR B 191 4.52 -5.20 9.92
CA THR B 191 3.46 -4.71 10.79
C THR B 191 2.48 -3.78 10.08
N LYS B 192 2.99 -2.90 9.20
CA LYS B 192 2.11 -2.00 8.44
C LYS B 192 1.19 -2.79 7.48
N VAL B 193 1.76 -3.75 6.75
CA VAL B 193 0.96 -4.63 5.91
C VAL B 193 -0.11 -5.33 6.73
N ARG B 194 0.29 -5.95 7.86
CA ARG B 194 -0.65 -6.69 8.75
C ARG B 194 -1.73 -5.74 9.30
N THR B 195 -1.36 -4.54 9.76
CA THR B 195 -2.35 -3.64 10.32
C THR B 195 -3.38 -3.26 9.23
N ASN B 196 -2.88 -3.01 8.02
CA ASN B 196 -3.72 -2.59 6.91
C ASN B 196 -4.65 -3.71 6.47
N LEU B 197 -4.11 -4.92 6.37
CA LEU B 197 -4.91 -6.08 5.98
C LEU B 197 -6.05 -6.28 6.97
N ARG B 198 -5.75 -6.16 8.26
CA ARG B 198 -6.70 -6.39 9.37
C ARG B 198 -7.70 -5.23 9.46
N ARG B 199 -7.46 -4.12 8.74
CA ARG B 199 -8.44 -3.01 8.56
C ARG B 199 -9.40 -3.30 7.42
N GLU B 200 -9.06 -4.21 6.49
CA GLU B 200 -10.01 -4.68 5.48
C GLU B 200 -11.14 -5.44 6.20
N PRO B 201 -12.34 -5.55 5.60
CA PRO B 201 -13.40 -6.37 6.19
C PRO B 201 -13.07 -7.88 6.24
N PHE B 202 -13.84 -8.61 7.05
CA PHE B 202 -13.71 -10.06 7.16
C PHE B 202 -15.01 -10.68 6.64
N TYR B 203 -14.93 -11.94 6.22
CA TYR B 203 -16.04 -12.61 5.48
C TYR B 203 -16.48 -13.87 6.22
N LEU B 204 -17.78 -14.15 6.07
CA LEU B 204 -18.43 -15.29 6.66
C LEU B 204 -19.15 -15.95 5.51
N VAL B 205 -18.97 -17.26 5.43
CA VAL B 205 -19.31 -18.03 4.28
C VAL B 205 -20.15 -19.19 4.82
N PRO B 206 -21.27 -19.56 4.17
CA PRO B 206 -22.20 -20.53 4.73
C PRO B 206 -21.66 -21.96 4.58
N LYS B 207 -20.72 -22.37 5.45
CA LYS B 207 -20.19 -23.74 5.41
C LYS B 207 -20.82 -24.59 6.51
N ASN B 208 -21.27 -25.79 6.11
CA ASN B 208 -22.30 -26.55 6.80
C ASN B 208 -22.34 -28.01 6.32
N ALA B 209 -22.00 -28.97 7.20
CA ALA B 209 -21.97 -30.38 6.88
C ALA B 209 -23.40 -30.92 6.80
N GLN B 216 -25.77 -25.81 13.19
CA GLN B 216 -25.29 -26.60 12.06
C GLN B 216 -25.73 -26.06 10.71
N GLY B 217 -27.04 -25.84 10.55
CA GLY B 217 -27.59 -25.09 9.44
C GLY B 217 -27.50 -23.56 9.61
N GLU B 218 -27.12 -23.12 10.81
CA GLU B 218 -26.99 -21.69 11.12
C GLU B 218 -25.54 -21.22 11.33
N THR B 219 -24.60 -22.16 11.17
CA THR B 219 -23.18 -21.91 11.31
C THR B 219 -22.60 -21.36 10.02
N TRP B 220 -21.90 -20.23 10.15
CA TRP B 220 -21.11 -19.67 9.06
C TRP B 220 -19.66 -19.91 9.40
N ARG B 221 -18.80 -19.80 8.37
CA ARG B 221 -17.33 -19.94 8.51
C ARG B 221 -16.60 -18.69 8.03
N LEU B 222 -15.55 -18.29 8.76
CA LEU B 222 -14.67 -17.19 8.36
C LEU B 222 -13.97 -17.55 7.08
N SER B 223 -13.90 -16.57 6.18
CA SER B 223 -13.15 -16.67 4.95
C SER B 223 -12.21 -15.47 4.88
N PHE B 224 -10.97 -15.76 4.48
CA PHE B 224 -9.92 -14.79 4.27
C PHE B 224 -9.32 -14.91 2.87
N SER B 225 -10.15 -15.33 1.91
CA SER B 225 -9.76 -15.47 0.52
C SER B 225 -9.22 -14.17 -0.04
N HIS B 226 -9.81 -13.04 0.38
CA HIS B 226 -9.39 -11.73 -0.06
C HIS B 226 -7.99 -11.43 0.41
N THR B 227 -7.69 -11.80 1.66
CA THR B 227 -6.37 -11.60 2.23
C THR B 227 -5.34 -12.56 1.59
N GLU B 228 -5.74 -13.83 1.41
CA GLU B 228 -4.89 -14.80 0.74
C GLU B 228 -4.46 -14.37 -0.67
N LYS B 229 -5.38 -13.74 -1.40
CA LYS B 229 -5.13 -13.20 -2.73
C LYS B 229 -4.06 -12.11 -2.72
N TYR B 230 -4.21 -11.13 -1.81
CA TYR B 230 -3.23 -10.05 -1.59
C TYR B 230 -1.86 -10.68 -1.31
N ILE B 231 -1.80 -11.64 -0.38
CA ILE B 231 -0.54 -12.28 -0.02
C ILE B 231 0.12 -12.94 -1.25
N LEU B 232 -0.67 -13.71 -2.02
CA LEU B 232 -0.16 -14.40 -3.20
C LEU B 232 0.48 -13.43 -4.18
N ASN B 233 -0.13 -12.25 -4.34
CA ASN B 233 0.34 -11.22 -5.25
C ASN B 233 1.26 -10.13 -4.66
N ASN B 234 1.53 -10.24 -3.36
CA ASN B 234 2.47 -9.36 -2.64
C ASN B 234 3.24 -10.17 -1.62
N HIS B 235 4.04 -11.11 -2.10
CA HIS B 235 4.49 -12.25 -1.31
C HIS B 235 5.94 -12.16 -0.86
N GLY B 236 6.64 -11.08 -1.24
CA GLY B 236 8.05 -10.92 -0.94
C GLY B 236 8.32 -10.07 0.29
N ILE B 237 9.51 -10.24 0.88
CA ILE B 237 10.01 -9.29 1.86
C ILE B 237 10.48 -7.98 1.18
N GLU B 238 11.04 -8.08 -0.03
CA GLU B 238 11.29 -6.94 -0.88
C GLU B 238 10.06 -6.62 -1.70
N LYS B 239 9.76 -5.33 -1.81
CA LYS B 239 8.62 -4.83 -2.55
C LYS B 239 8.72 -5.16 -4.03
N THR B 240 9.94 -5.41 -4.50
CA THR B 240 10.16 -5.68 -5.91
C THR B 240 10.14 -7.15 -6.26
N CYS B 241 9.91 -8.04 -5.28
CA CYS B 241 9.91 -9.48 -5.59
C CYS B 241 8.97 -9.71 -6.76
N CYS B 242 9.50 -10.31 -7.83
CA CYS B 242 8.72 -10.72 -9.02
C CYS B 242 8.13 -9.59 -9.87
N GLU B 243 8.62 -8.36 -9.68
CA GLU B 243 8.22 -7.21 -10.48
C GLU B 243 9.23 -7.02 -11.62
N SER B 244 8.89 -6.21 -12.61
CA SER B 244 9.77 -6.04 -13.75
C SER B 244 11.13 -5.37 -13.47
N SER B 245 11.29 -4.68 -12.33
CA SER B 245 12.62 -4.18 -11.90
C SER B 245 13.08 -4.79 -10.60
N GLY B 246 12.57 -6.00 -10.33
CA GLY B 246 13.02 -6.84 -9.25
C GLY B 246 13.52 -8.20 -9.74
N ALA B 247 13.79 -9.07 -8.78
CA ALA B 247 14.21 -10.42 -9.02
C ALA B 247 13.01 -11.34 -8.82
N LYS B 248 12.99 -12.36 -9.67
CA LYS B 248 12.02 -13.41 -9.65
C LYS B 248 12.35 -14.37 -8.47
N CYS B 249 11.30 -14.87 -7.81
CA CYS B 249 11.39 -15.93 -6.79
C CYS B 249 10.65 -17.14 -7.29
N CYS B 250 10.76 -18.25 -6.57
CA CYS B 250 10.11 -19.50 -6.94
C CYS B 250 9.05 -19.92 -5.93
N ARG B 251 8.55 -18.95 -5.16
CA ARG B 251 7.49 -19.15 -4.13
C ARG B 251 6.24 -19.74 -4.79
N LYS B 252 5.72 -19.09 -5.85
CA LYS B 252 4.52 -19.57 -6.54
C LYS B 252 4.74 -20.90 -7.24
N GLU B 253 5.95 -21.13 -7.75
CA GLU B 253 6.27 -22.34 -8.50
C GLU B 253 6.27 -23.56 -7.56
N CYS B 254 6.77 -23.37 -6.33
CA CYS B 254 6.69 -24.39 -5.28
C CYS B 254 5.26 -24.73 -4.94
N LEU B 255 4.42 -23.70 -4.77
CA LEU B 255 3.00 -23.92 -4.52
C LEU B 255 2.35 -24.73 -5.68
N LYS B 256 2.70 -24.41 -6.92
CA LYS B 256 2.21 -25.17 -8.08
C LYS B 256 2.59 -26.63 -8.01
N LEU B 257 3.88 -26.89 -7.77
CA LEU B 257 4.44 -28.23 -7.69
C LEU B 257 3.79 -29.05 -6.58
N MET B 258 3.63 -28.43 -5.41
CA MET B 258 3.01 -29.09 -4.28
C MET B 258 1.54 -29.41 -4.56
N LYS B 259 0.82 -28.47 -5.17
CA LYS B 259 -0.57 -28.68 -5.56
C LYS B 259 -0.75 -29.80 -6.54
N TYR B 260 0.18 -29.88 -7.51
CA TYR B 260 0.21 -30.91 -8.56
C TYR B 260 0.49 -32.30 -7.94
N LEU B 261 1.44 -32.41 -7.02
CA LEU B 261 1.72 -33.68 -6.36
C LEU B 261 0.48 -34.20 -5.64
N LEU B 262 -0.26 -33.30 -5.00
CA LEU B 262 -1.49 -33.66 -4.29
C LEU B 262 -2.60 -34.10 -5.29
N GLU B 263 -2.89 -33.26 -6.29
CA GLU B 263 -3.89 -33.59 -7.34
C GLU B 263 -3.64 -34.97 -7.97
N GLN B 264 -2.38 -35.23 -8.33
CA GLN B 264 -2.01 -36.46 -8.97
C GLN B 264 -2.25 -37.64 -8.06
N LEU B 265 -1.84 -37.49 -6.79
CA LEU B 265 -2.00 -38.54 -5.80
C LEU B 265 -3.47 -38.78 -5.51
N LYS B 266 -4.20 -37.68 -5.37
CA LYS B 266 -5.62 -37.72 -5.06
C LYS B 266 -6.44 -38.37 -6.18
N LYS B 267 -6.06 -38.14 -7.43
CA LYS B 267 -6.76 -38.73 -8.58
C LYS B 267 -6.56 -40.27 -8.61
N GLU B 268 -5.45 -40.76 -8.06
CA GLU B 268 -5.13 -42.18 -8.02
C GLU B 268 -5.61 -42.91 -6.76
N PHE B 269 -5.60 -42.21 -5.62
CA PHE B 269 -5.90 -42.85 -4.33
C PHE B 269 -7.11 -42.23 -3.62
N GLN B 270 -8.14 -43.04 -3.43
CA GLN B 270 -9.37 -42.66 -2.74
C GLN B 270 -9.11 -42.42 -1.25
N GLU B 271 -8.06 -43.06 -0.73
CA GLU B 271 -7.57 -42.88 0.63
C GLU B 271 -7.31 -41.41 0.97
N LEU B 272 -7.04 -40.59 -0.05
CA LEU B 272 -6.69 -39.19 0.13
C LEU B 272 -7.86 -38.23 -0.06
N ASP B 273 -9.09 -38.76 0.01
CA ASP B 273 -10.27 -37.93 -0.22
C ASP B 273 -10.37 -36.78 0.77
N ALA B 274 -9.90 -36.97 2.00
CA ALA B 274 -9.98 -35.95 3.04
C ALA B 274 -9.02 -34.77 2.85
N PHE B 275 -8.04 -34.90 1.95
CA PHE B 275 -7.06 -33.86 1.69
C PHE B 275 -7.50 -32.98 0.55
N CYS B 276 -7.04 -31.73 0.53
CA CYS B 276 -7.43 -30.75 -0.48
C CYS B 276 -6.33 -29.73 -0.63
N SER B 277 -6.40 -28.95 -1.70
CA SER B 277 -5.38 -27.97 -2.01
C SER B 277 -5.22 -26.91 -0.91
N TYR B 278 -6.26 -26.61 -0.15
CA TYR B 278 -6.16 -25.57 0.93
C TYR B 278 -5.12 -26.03 1.97
N HIS B 279 -4.97 -27.34 2.15
CA HIS B 279 -3.99 -27.87 3.09
C HIS B 279 -2.57 -27.48 2.66
N VAL B 280 -2.31 -27.60 1.36
CA VAL B 280 -1.03 -27.28 0.78
C VAL B 280 -0.75 -25.78 0.84
N LYS B 281 -1.81 -24.98 0.60
CA LYS B 281 -1.74 -23.52 0.62
C LYS B 281 -1.42 -23.00 2.01
N THR B 282 -2.13 -23.55 3.00
CA THR B 282 -1.87 -23.28 4.40
C THR B 282 -0.42 -23.63 4.76
N ALA B 283 0.03 -24.82 4.35
CA ALA B 283 1.39 -25.25 4.65
C ALA B 283 2.42 -24.26 4.11
N ILE B 284 2.24 -23.81 2.87
CA ILE B 284 3.24 -22.97 2.25
C ILE B 284 3.23 -21.55 2.83
N PHE B 285 2.06 -21.07 3.29
CA PHE B 285 1.97 -19.81 4.04
C PHE B 285 2.86 -19.89 5.29
N HIS B 286 2.86 -21.05 5.97
CA HIS B 286 3.69 -21.24 7.16
C HIS B 286 5.19 -21.25 6.78
N MET B 287 5.54 -21.94 5.68
CA MET B 287 6.91 -21.95 5.17
C MET B 287 7.40 -20.56 4.74
N TRP B 288 6.52 -19.79 4.09
CA TRP B 288 6.88 -18.45 3.66
C TRP B 288 7.18 -17.54 4.87
N THR B 289 6.53 -17.83 6.01
CA THR B 289 6.70 -17.11 7.25
C THR B 289 8.01 -17.53 7.91
N GLN B 290 8.22 -18.84 7.95
CA GLN B 290 9.43 -19.42 8.50
C GLN B 290 10.72 -19.04 7.73
N ASP B 291 10.61 -18.92 6.40
CA ASP B 291 11.70 -18.53 5.51
C ASP B 291 11.28 -17.26 4.79
N PRO B 292 11.34 -16.09 5.46
CA PRO B 292 10.81 -14.85 4.91
C PRO B 292 11.62 -14.24 3.75
N GLN B 293 12.93 -14.51 3.69
CA GLN B 293 13.86 -13.86 2.74
C GLN B 293 13.63 -14.32 1.30
N ASP B 294 13.58 -13.37 0.37
CA ASP B 294 13.38 -13.68 -1.05
C ASP B 294 14.48 -14.61 -1.58
N SER B 295 15.68 -14.46 -1.01
CA SER B 295 16.86 -15.19 -1.42
C SER B 295 16.78 -16.65 -0.98
N GLN B 296 15.91 -16.95 -0.02
CA GLN B 296 15.58 -18.33 0.32
C GLN B 296 14.54 -18.98 -0.60
N TRP B 297 14.14 -18.25 -1.65
CA TRP B 297 13.26 -18.75 -2.70
C TRP B 297 13.83 -18.35 -4.06
N ASP B 298 15.16 -18.42 -4.19
CA ASP B 298 15.83 -18.15 -5.45
C ASP B 298 15.41 -19.21 -6.47
N PRO B 299 15.05 -18.81 -7.71
CA PRO B 299 14.71 -19.74 -8.78
C PRO B 299 15.79 -20.82 -9.02
N ARG B 300 17.06 -20.48 -8.78
CA ARG B 300 18.21 -21.40 -8.94
C ARG B 300 18.10 -22.54 -7.90
N ASN B 301 17.35 -22.33 -6.81
CA ASN B 301 17.20 -23.33 -5.74
C ASN B 301 15.82 -23.96 -5.65
N LEU B 302 15.15 -24.07 -6.79
CA LEU B 302 13.81 -24.65 -6.89
C LEU B 302 13.68 -26.03 -6.19
N SER B 303 14.65 -26.91 -6.39
CA SER B 303 14.65 -28.25 -5.79
C SER B 303 14.73 -28.20 -4.28
N SER B 304 15.77 -27.54 -3.75
CA SER B 304 15.92 -27.37 -2.31
C SER B 304 14.60 -26.83 -1.74
N CYS B 305 14.07 -25.79 -2.40
CA CYS B 305 12.85 -25.15 -1.97
C CYS B 305 11.63 -26.10 -1.97
N PHE B 306 11.45 -26.82 -3.07
CA PHE B 306 10.38 -27.80 -3.16
C PHE B 306 10.58 -28.86 -2.10
N ASP B 307 11.81 -29.33 -1.96
CA ASP B 307 12.11 -30.38 -1.03
C ASP B 307 11.86 -29.97 0.43
N LYS B 308 12.24 -28.74 0.78
CA LYS B 308 12.08 -28.29 2.15
C LYS B 308 10.59 -28.13 2.48
N LEU B 309 9.78 -27.81 1.47
CA LEU B 309 8.32 -27.72 1.60
C LEU B 309 7.68 -29.10 1.85
N LEU B 310 8.11 -30.11 1.07
CA LEU B 310 7.72 -31.49 1.31
C LEU B 310 8.03 -31.93 2.73
N ALA B 311 9.25 -31.61 3.19
CA ALA B 311 9.72 -32.02 4.50
C ALA B 311 8.82 -31.38 5.56
N PHE B 312 8.50 -30.10 5.38
CA PHE B 312 7.60 -29.39 6.28
C PHE B 312 6.19 -30.00 6.32
N PHE B 313 5.67 -30.34 5.13
CA PHE B 313 4.35 -30.93 5.00
C PHE B 313 4.32 -32.30 5.68
N LEU B 314 5.41 -33.06 5.54
CA LEU B 314 5.52 -34.38 6.16
C LEU B 314 5.53 -34.28 7.67
N GLU B 315 6.15 -33.22 8.19
CA GLU B 315 6.22 -32.98 9.63
C GLU B 315 4.84 -32.62 10.17
N CYS B 316 4.09 -31.82 9.41
CA CYS B 316 2.69 -31.55 9.70
C CYS B 316 1.87 -32.85 9.76
N LEU B 317 2.12 -33.79 8.85
CA LEU B 317 1.43 -35.07 8.86
C LEU B 317 1.84 -35.93 10.05
N ARG B 318 3.16 -36.01 10.31
CA ARG B 318 3.77 -36.84 11.39
C ARG B 318 3.25 -36.34 12.74
N THR B 319 3.23 -35.03 12.95
CA THR B 319 2.76 -34.45 14.20
C THR B 319 1.26 -34.18 14.24
N GLU B 320 0.55 -34.52 13.15
CA GLU B 320 -0.89 -34.29 13.02
C GLU B 320 -1.28 -32.82 13.31
N LYS B 321 -0.57 -31.89 12.69
CA LYS B 321 -0.69 -30.46 13.02
C LYS B 321 -0.44 -29.54 11.84
N LEU B 322 -1.49 -28.82 11.45
CA LEU B 322 -1.46 -27.82 10.40
C LEU B 322 -2.50 -26.76 10.73
N ASP B 323 -2.07 -25.73 11.47
CA ASP B 323 -2.96 -24.69 11.97
C ASP B 323 -3.41 -23.76 10.85
N HIS B 324 -4.70 -23.42 10.86
CA HIS B 324 -5.20 -22.40 9.96
C HIS B 324 -4.31 -21.18 10.14
N TYR B 325 -3.86 -20.58 9.03
CA TYR B 325 -2.89 -19.45 9.03
C TYR B 325 -3.51 -18.22 9.70
N PHE B 326 -4.84 -18.09 9.65
CA PHE B 326 -5.59 -16.96 10.19
C PHE B 326 -6.21 -17.22 11.54
N ILE B 327 -6.36 -18.51 11.88
CA ILE B 327 -7.09 -18.97 13.06
C ILE B 327 -6.24 -20.04 13.73
N PRO B 328 -5.25 -19.65 14.56
CA PRO B 328 -4.19 -20.56 15.00
C PRO B 328 -4.67 -21.78 15.79
N LYS B 329 -5.80 -21.70 16.49
CA LYS B 329 -6.27 -22.80 17.32
C LYS B 329 -7.01 -23.86 16.55
N PHE B 330 -7.33 -23.59 15.28
CA PHE B 330 -8.06 -24.50 14.40
C PHE B 330 -7.04 -25.34 13.62
N ASN B 331 -6.85 -26.58 14.08
CA ASN B 331 -5.98 -27.57 13.45
C ASN B 331 -6.71 -28.32 12.32
N LEU B 332 -6.28 -28.07 11.07
CA LEU B 332 -6.85 -28.70 9.89
C LEU B 332 -6.52 -30.20 9.82
N PHE B 333 -5.50 -30.60 10.58
CA PHE B 333 -5.05 -31.98 10.65
C PHE B 333 -5.41 -32.61 11.99
N SER B 334 -6.45 -32.09 12.65
CA SER B 334 -6.94 -32.70 13.88
C SER B 334 -7.37 -34.14 13.55
N GLN B 335 -7.40 -34.98 14.59
CA GLN B 335 -7.92 -36.35 14.48
C GLN B 335 -9.37 -36.33 13.99
N GLU B 336 -10.12 -35.30 14.41
CA GLU B 336 -11.54 -35.18 14.15
C GLU B 336 -11.89 -34.90 12.70
N LEU B 337 -10.92 -34.38 11.93
CA LEU B 337 -11.15 -33.99 10.54
C LEU B 337 -10.57 -34.99 9.55
N ILE B 338 -9.37 -35.50 9.89
CA ILE B 338 -8.65 -36.43 9.04
C ILE B 338 -8.09 -37.51 9.93
N ASP B 339 -8.38 -38.77 9.61
CA ASP B 339 -7.97 -39.93 10.39
C ASP B 339 -6.45 -40.10 10.35
N ARG B 340 -5.88 -40.63 11.43
CA ARG B 340 -4.41 -40.91 11.57
C ARG B 340 -3.94 -41.76 10.38
N LYS B 341 -4.72 -42.77 10.01
CA LYS B 341 -4.35 -43.67 8.92
C LYS B 341 -4.24 -42.96 7.57
N SER B 342 -5.24 -42.13 7.24
CA SER B 342 -5.17 -41.25 6.06
C SER B 342 -3.87 -40.42 6.01
N LYS B 343 -3.40 -39.96 7.18
CA LYS B 343 -2.21 -39.13 7.28
C LYS B 343 -0.93 -39.91 7.04
N GLU B 344 -0.87 -41.11 7.62
CA GLU B 344 0.25 -42.02 7.39
C GLU B 344 0.26 -42.48 5.93
N PHE B 345 -0.93 -42.67 5.35
CA PHE B 345 -1.02 -43.09 3.97
C PHE B 345 -0.42 -42.04 3.04
N LEU B 346 -0.81 -40.78 3.24
CA LEU B 346 -0.26 -39.69 2.45
C LEU B 346 1.24 -39.48 2.66
N SER B 347 1.72 -39.75 3.88
CA SER B 347 3.15 -39.66 4.21
C SER B 347 3.98 -40.66 3.42
N LYS B 348 3.55 -41.93 3.43
CA LYS B 348 4.22 -42.98 2.67
C LYS B 348 4.30 -42.61 1.19
N LYS B 349 3.19 -42.10 0.64
CA LYS B 349 3.11 -41.77 -0.76
C LYS B 349 4.00 -40.60 -1.17
N ILE B 350 4.11 -39.59 -0.29
CA ILE B 350 4.98 -38.43 -0.51
C ILE B 350 6.44 -38.82 -0.35
N GLU B 351 6.76 -39.49 0.76
CA GLU B 351 8.12 -40.00 1.03
C GLU B 351 8.61 -40.81 -0.15
N TYR B 352 7.73 -41.64 -0.71
CA TYR B 352 8.00 -42.51 -1.89
C TYR B 352 8.32 -41.66 -3.13
N GLU B 353 7.38 -40.82 -3.54
CA GLU B 353 7.57 -39.94 -4.70
C GLU B 353 8.89 -39.17 -4.57
N ARG B 354 9.13 -38.67 -3.36
CA ARG B 354 10.31 -37.82 -2.99
C ARG B 354 11.61 -38.62 -3.20
N ASN B 355 11.61 -39.91 -2.83
CA ASN B 355 12.82 -40.74 -2.85
C ASN B 355 13.02 -41.54 -4.14
N ASN B 356 12.24 -41.23 -5.18
CA ASN B 356 12.27 -41.97 -6.45
C ASN B 356 12.14 -41.12 -7.71
N GLY B 357 12.42 -39.81 -7.58
CA GLY B 357 12.41 -38.86 -8.68
C GLY B 357 11.03 -38.43 -9.13
N PHE B 358 10.06 -38.51 -8.23
CA PHE B 358 8.68 -38.11 -8.50
C PHE B 358 8.12 -38.78 -9.76
N PRO B 359 8.06 -40.12 -9.80
CA PRO B 359 7.48 -40.84 -10.95
C PRO B 359 6.08 -40.34 -11.34
N ILE B 360 5.30 -39.88 -10.36
CA ILE B 360 3.94 -39.43 -10.59
C ILE B 360 3.85 -38.15 -11.43
N PHE B 361 4.94 -37.38 -11.48
CA PHE B 361 5.00 -36.18 -12.31
C PHE B 361 5.01 -36.52 -13.79
N ASP B 362 5.27 -37.79 -14.14
CA ASP B 362 5.27 -38.24 -15.54
C ASP B 362 3.89 -38.61 -16.11
N LYS B 363 3.00 -39.12 -15.25
CA LYS B 363 1.72 -39.66 -15.75
C LYS B 363 0.72 -38.57 -16.16
N1 OKX G . 8.13 21.60 1.05
C1 OKX G . 8.75 22.22 0.06
N2 OKX G . 9.55 23.26 0.31
C2 OKX G . 10.10 23.78 -0.82
C3 OKX G . 9.92 23.36 -2.12
N3 OKX G . 10.65 24.15 -2.98
C4 OKX G . 11.26 25.02 -2.20
N4 OKX G . 10.96 24.84 -0.88
C5 OKX G . 11.46 25.60 0.26
O1 OKX G . 12.24 24.73 1.03
C6 OKX G . 11.90 24.84 2.44
C7 OKX G . 11.31 23.54 2.91
O2 OKX G . 9.96 23.75 3.38
P1 OKX G . 9.21 22.67 4.26
O3 OKX G . 7.87 22.36 3.66
O4 OKX G . 9.22 23.12 5.70
C8 OKX G . 10.25 21.18 4.10
P2 OKX G . 10.36 20.11 5.56
O5 OKX G . 9.16 20.36 6.42
O6 OKX G . 10.54 18.70 5.07
O7 OKX G . 11.68 20.57 6.31
P3 OKX G . 11.96 21.62 7.51
O8 OKX G . 12.65 20.84 8.59
O9 OKX G . 10.62 22.14 7.94
O10 OKX G . 12.83 22.69 6.91
C9 OKX G . 10.97 26.07 2.53
O11 OKX G . 11.72 27.23 2.89
C10 OKX G . 10.36 26.17 1.15
O12 OKX G . 10.14 27.56 0.87
P4 OKX G . 8.97 27.86 -0.19
O13 OKX G . 9.12 29.27 -0.68
O14 OKX G . 8.91 26.76 -1.22
O15 OKX G . 7.65 27.79 0.71
C11 OKX G . 7.68 28.18 2.10
C12 OKX G . 6.82 27.25 2.91
O16 OKX G . 5.67 26.86 2.10
C13 OKX G . 5.45 25.47 2.20
N5 OKX G . 5.80 24.86 0.93
C14 OKX G . 6.88 25.14 0.13
N6 OKX G . 6.94 24.41 -0.96
C15 OKX G . 5.82 23.59 -0.87
C16 OKX G . 5.32 22.58 -1.72
N7 OKX G . 5.89 22.22 -2.86
N8 OKX G . 4.19 21.95 -1.33
C17 OKX G . 3.61 22.32 -0.18
N9 OKX G . 3.99 23.24 0.69
C18 OKX G . 5.12 23.84 0.29
C19 OKX G . 6.29 24.97 3.36
O17 OKX G . 5.55 25.02 4.57
C20 OKX G . 7.47 25.94 3.34
O18 OKX G . 8.07 26.04 4.62
C21 OKX G . 9.06 22.26 -2.39
O19 OKX G . 8.78 21.77 -3.49
N10 OKX G . 8.51 21.75 -1.21
MG MG H . 8.99 22.04 7.57
MG MG I . 7.92 24.80 6.51
ZN ZN J . 14.50 2.13 7.51
N1 OKX K . -11.36 -21.73 -1.00
C1 OKX K . -11.28 -22.48 0.10
N2 OKX K . -11.24 -23.80 0.01
C2 OKX K . -11.16 -24.40 1.22
C3 OKX K . -11.10 -23.80 2.46
N3 OKX K . -11.01 -24.76 3.46
C4 OKX K . -11.02 -25.91 2.81
N4 OKX K . -11.11 -25.74 1.45
C5 OKX K . -11.12 -26.79 0.44
O1 OKX K . -9.90 -26.73 -0.26
C6 OKX K . -10.13 -26.75 -1.69
C7 OKX K . -9.70 -25.41 -2.26
O2 OKX K . -10.72 -24.91 -3.16
P1 OKX K . -10.48 -23.62 -4.04
O3 OKX K . -11.41 -22.52 -3.60
O4 OKX K . -10.53 -23.98 -5.50
C8 OKX K . -8.79 -23.10 -3.63
P2 OKX K . -7.79 -22.45 -5.01
O5 OKX K . -8.72 -21.89 -6.05
O6 OKX K . -6.80 -21.48 -4.43
O7 OKX K . -7.01 -23.70 -5.59
P3 OKX K . -7.35 -24.79 -6.73
O8 OKX K . -6.12 -24.84 -7.61
O9 OKX K . -8.56 -24.29 -7.46
O10 OKX K . -7.59 -26.08 -6.00
C9 OKX K . -11.60 -27.13 -1.87
O11 OKX K . -11.73 -28.53 -2.06
C10 OKX K . -12.25 -26.66 -0.57
O12 OKX K . -13.33 -27.50 -0.20
P4 OKX K . -14.59 -26.60 0.19
O13 OKX K . -15.84 -27.43 0.21
O14 OKX K . -14.26 -25.78 1.41
O15 OKX K . -14.65 -25.62 -1.08
C11 OKX K . -15.81 -25.61 -1.93
C12 OKX K . -15.73 -24.40 -2.82
O16 OKX K . -16.40 -23.30 -2.14
C13 OKX K . -15.56 -22.17 -2.10
N5 OKX K . -15.06 -22.01 -0.73
C14 OKX K . -14.77 -23.01 0.16
N6 OKX K . -14.32 -22.55 1.32
C15 OKX K . -14.32 -21.17 1.16
C16 OKX K . -13.96 -20.12 2.02
N7 OKX K . -13.52 -20.30 3.26
N8 OKX K . -14.09 -18.86 1.55
C17 OKX K . -14.54 -18.68 0.31
N9 OKX K . -14.91 -19.59 -0.59
C18 OKX K . -14.77 -20.83 -0.10
C19 OKX K . -14.47 -22.38 -3.14
O17 OKX K . -14.84 -21.88 -4.40
C20 OKX K . -14.31 -23.91 -3.12
O18 OKX K . -13.85 -24.40 -4.37
C21 OKX K . -11.14 -22.39 2.55
O19 OKX K . -11.10 -21.69 3.58
N10 OKX K . -11.22 -21.79 1.30
MG MG L . -9.93 -22.81 -7.13
MG MG M . -12.84 -23.83 -6.79
ZN ZN N . 8.39 -13.35 -5.87
#